data_2PYY
#
_entry.id   2PYY
#
_cell.length_a   77.979
_cell.length_b   145.085
_cell.length_c   132.128
_cell.angle_alpha   90.00
_cell.angle_beta   90.00
_cell.angle_gamma   90.00
#
_symmetry.space_group_name_H-M   'C 2 2 21'
#
loop_
_entity.id
_entity.type
_entity.pdbx_description
1 polymer 'Ionotropic glutamate receptor bacterial homologue'
2 non-polymer 'GLUTAMIC ACID'
3 water water
#
_entity_poly.entity_id   1
_entity_poly.type   'polypeptide(L)'
_entity_poly.pdbx_seq_one_letter_code
;LQQPLLVATRVIPPFVLSNKGELSGFSIDLWRSIATQIGIESKLIEYSSVPELISAIKDNKVNLGIAAISITAEREQNFD
FSLPIFASGLQIMVRNLESGTGDIRSIDDLPGKVVATTAGSTAATYLREHHISVLEVPKIEEAYKALQTKKADAVVFDAP
VLLFYAANEGKGKVEIVGSILREESYGIILPNNSPYRKPINQALLNLKENGTYQSLYDKWFDPKNSLE
;
_entity_poly.pdbx_strand_id   A,B,C
#
# COMPACT_ATOMS: atom_id res chain seq x y z
N PRO A 4 2.23 35.21 9.81
CA PRO A 4 0.84 34.94 9.35
C PRO A 4 0.50 33.47 9.51
N LEU A 5 -0.65 33.18 10.12
CA LEU A 5 -1.07 31.79 10.32
C LEU A 5 -1.75 31.22 9.08
N LEU A 6 -1.33 30.04 8.66
CA LEU A 6 -1.93 29.36 7.52
C LEU A 6 -3.13 28.56 7.97
N VAL A 7 -4.29 28.87 7.40
CA VAL A 7 -5.52 28.19 7.78
C VAL A 7 -6.07 27.34 6.64
N ALA A 8 -6.17 26.04 6.87
CA ALA A 8 -6.72 25.15 5.84
C ALA A 8 -8.24 25.20 5.90
N THR A 9 -8.87 25.25 4.73
CA THR A 9 -10.32 25.27 4.64
C THR A 9 -10.80 24.31 3.55
N ARG A 10 -12.10 24.06 3.52
CA ARG A 10 -12.68 23.17 2.54
C ARG A 10 -14.04 23.77 2.22
N VAL A 11 -14.37 23.83 0.94
CA VAL A 11 -15.64 24.40 0.53
C VAL A 11 -16.77 23.44 0.84
N ILE A 12 -17.70 23.88 1.68
CA ILE A 12 -18.82 23.05 2.08
C ILE A 12 -19.93 23.94 2.70
N PRO A 13 -20.83 24.45 1.86
CA PRO A 13 -21.94 25.30 2.32
C PRO A 13 -22.89 24.62 3.29
N PRO A 14 -23.50 25.39 4.22
CA PRO A 14 -23.32 26.84 4.38
C PRO A 14 -22.14 27.27 5.26
N PHE A 15 -21.27 26.33 5.61
CA PHE A 15 -20.13 26.66 6.46
C PHE A 15 -19.00 27.37 5.72
N VAL A 16 -18.74 26.94 4.49
CA VAL A 16 -17.72 27.57 3.65
C VAL A 16 -18.27 27.57 2.21
N LEU A 17 -18.41 28.77 1.64
CA LEU A 17 -18.89 28.94 0.27
C LEU A 17 -17.98 29.91 -0.46
N SER A 18 -17.90 29.75 -1.78
CA SER A 18 -17.06 30.62 -2.62
C SER A 18 -17.93 31.50 -3.51
N ASN A 19 -17.39 32.66 -3.90
CA ASN A 19 -18.11 33.59 -4.74
C ASN A 19 -17.16 34.58 -5.40
N LEU A 23 -15.15 34.26 -0.70
CA LEU A 23 -15.32 33.33 0.41
C LEU A 23 -16.21 33.85 1.51
N SER A 24 -17.21 33.05 1.88
CA SER A 24 -18.16 33.43 2.92
C SER A 24 -18.66 32.16 3.64
N GLY A 25 -19.73 32.28 4.42
CA GLY A 25 -20.26 31.12 5.12
C GLY A 25 -19.99 31.23 6.62
N PHE A 26 -20.78 30.48 7.39
CA PHE A 26 -20.66 30.48 8.85
C PHE A 26 -19.24 30.34 9.39
N SER A 27 -18.52 29.31 8.94
CA SER A 27 -17.17 29.07 9.43
C SER A 27 -16.21 30.19 9.01
N ILE A 28 -16.43 30.77 7.84
CA ILE A 28 -15.58 31.85 7.39
C ILE A 28 -15.82 33.10 8.24
N ASP A 29 -17.08 33.44 8.48
CA ASP A 29 -17.35 34.62 9.31
C ASP A 29 -16.84 34.37 10.72
N LEU A 30 -17.07 33.17 11.27
CA LEU A 30 -16.62 32.88 12.64
C LEU A 30 -15.10 33.00 12.77
N TRP A 31 -14.37 32.45 11.81
CA TRP A 31 -12.92 32.54 11.88
C TRP A 31 -12.45 33.99 11.82
N ARG A 32 -13.10 34.79 10.99
CA ARG A 32 -12.73 36.20 10.89
C ARG A 32 -12.90 36.93 12.22
N SER A 33 -14.01 36.67 12.91
CA SER A 33 -14.23 37.33 14.21
C SER A 33 -13.20 36.83 15.22
N ILE A 34 -12.86 35.55 15.15
CA ILE A 34 -11.89 35.00 16.08
C ILE A 34 -10.50 35.58 15.81
N ALA A 35 -10.12 35.61 14.54
CA ALA A 35 -8.83 36.13 14.13
C ALA A 35 -8.67 37.60 14.47
N THR A 36 -9.71 38.38 14.21
CA THR A 36 -9.68 39.80 14.51
C THR A 36 -9.46 40.03 15.99
N GLN A 37 -10.13 39.21 16.80
CA GLN A 37 -10.02 39.32 18.26
C GLN A 37 -8.65 38.96 18.80
N ILE A 38 -8.04 37.91 18.26
CA ILE A 38 -6.72 37.51 18.73
C ILE A 38 -5.66 38.38 18.07
N GLY A 39 -6.07 39.16 17.08
CA GLY A 39 -5.12 40.03 16.39
C GLY A 39 -4.13 39.20 15.58
N ILE A 40 -4.65 38.31 14.75
CA ILE A 40 -3.82 37.46 13.95
C ILE A 40 -4.13 37.57 12.46
N GLU A 41 -3.08 37.65 11.66
CA GLU A 41 -3.25 37.76 10.22
C GLU A 41 -3.26 36.33 9.70
N SER A 42 -4.22 36.00 8.84
CA SER A 42 -4.29 34.64 8.35
C SER A 42 -4.39 34.53 6.84
N LYS A 43 -3.89 33.42 6.31
CA LYS A 43 -3.92 33.13 4.89
C LYS A 43 -4.65 31.81 4.73
N LEU A 44 -5.76 31.83 3.99
CA LEU A 44 -6.56 30.63 3.80
C LEU A 44 -6.10 29.77 2.62
N ILE A 45 -6.00 28.47 2.85
CA ILE A 45 -5.58 27.55 1.81
C ILE A 45 -6.67 26.48 1.69
N GLU A 46 -7.25 26.34 0.50
CA GLU A 46 -8.31 25.38 0.27
C GLU A 46 -7.79 23.98 -0.01
N TYR A 47 -8.53 22.99 0.48
CA TYR A 47 -8.19 21.59 0.27
C TYR A 47 -9.44 20.85 -0.25
N SER A 48 -9.20 19.83 -1.08
CA SER A 48 -10.24 19.04 -1.73
C SER A 48 -11.03 18.06 -0.86
N SER A 49 -10.47 17.65 0.26
CA SER A 49 -11.15 16.70 1.13
C SER A 49 -10.63 16.86 2.55
N VAL A 50 -11.39 16.33 3.51
CA VAL A 50 -10.99 16.42 4.89
C VAL A 50 -9.66 15.73 5.11
N PRO A 51 -9.49 14.49 4.60
CA PRO A 51 -8.21 13.81 4.81
C PRO A 51 -7.03 14.59 4.24
N GLU A 52 -7.26 15.33 3.16
CA GLU A 52 -6.20 16.13 2.55
C GLU A 52 -5.91 17.30 3.48
N LEU A 53 -6.95 17.86 4.06
CA LEU A 53 -6.78 18.97 4.97
C LEU A 53 -6.04 18.47 6.20
N ILE A 54 -6.36 17.27 6.66
CA ILE A 54 -5.71 16.69 7.83
C ILE A 54 -4.21 16.50 7.60
N SER A 55 -3.84 15.92 6.46
CA SER A 55 -2.42 15.70 6.19
C SER A 55 -1.66 17.03 6.13
N ALA A 56 -2.36 18.10 5.78
CA ALA A 56 -1.74 19.42 5.73
C ALA A 56 -1.34 19.78 7.16
N ILE A 57 -2.20 19.44 8.12
CA ILE A 57 -1.94 19.70 9.53
C ILE A 57 -0.75 18.83 9.97
N LYS A 58 -0.82 17.54 9.65
CA LYS A 58 0.22 16.59 9.99
C LYS A 58 1.57 16.95 9.37
N ASP A 59 1.55 17.50 8.16
CA ASP A 59 2.79 17.87 7.47
C ASP A 59 3.27 19.28 7.82
N ASN A 60 2.67 19.87 8.84
CA ASN A 60 3.05 21.22 9.26
C ASN A 60 2.90 22.23 8.11
N LYS A 61 2.04 21.93 7.15
CA LYS A 61 1.79 22.80 6.01
C LYS A 61 0.80 23.92 6.36
N VAL A 62 0.06 23.72 7.44
CA VAL A 62 -0.91 24.71 7.94
C VAL A 62 -0.86 24.72 9.46
N ASN A 63 -1.36 25.78 10.08
CA ASN A 63 -1.34 25.89 11.53
C ASN A 63 -2.66 25.40 12.13
N LEU A 64 -3.72 25.44 11.34
CA LEU A 64 -5.03 24.99 11.79
C LEU A 64 -5.94 24.74 10.60
N GLY A 65 -7.13 24.23 10.90
CA GLY A 65 -8.10 23.96 9.85
C GLY A 65 -9.51 24.21 10.33
N ILE A 66 -10.33 24.81 9.48
CA ILE A 66 -11.71 25.09 9.83
C ILE A 66 -12.63 25.01 8.62
N ALA A 67 -13.75 24.33 8.78
CA ALA A 67 -14.76 24.17 7.75
C ALA A 67 -15.93 23.48 8.44
N ALA A 68 -16.16 22.21 8.11
CA ALA A 68 -17.22 21.42 8.75
C ALA A 68 -16.54 20.13 9.18
N ILE A 69 -15.48 20.29 9.98
CA ILE A 69 -14.66 19.19 10.47
C ILE A 69 -15.13 18.50 11.76
N SER A 70 -15.62 17.27 11.63
CA SER A 70 -16.10 16.51 12.76
C SER A 70 -15.02 16.13 13.76
N ILE A 71 -15.36 16.27 15.04
CA ILE A 71 -14.45 15.89 16.12
C ILE A 71 -14.76 14.41 16.40
N THR A 72 -13.78 13.55 16.15
CA THR A 72 -13.89 12.09 16.35
C THR A 72 -12.70 11.60 17.18
N ALA A 73 -12.82 10.41 17.77
CA ALA A 73 -11.76 9.84 18.59
C ALA A 73 -10.49 9.62 17.78
N GLU A 74 -10.66 9.10 16.59
CA GLU A 74 -9.53 8.83 15.73
C GLU A 74 -8.72 10.10 15.47
N ARG A 75 -9.41 11.19 15.17
CA ARG A 75 -8.72 12.45 14.90
C ARG A 75 -8.08 13.06 16.14
N GLU A 76 -8.78 12.99 17.25
CA GLU A 76 -8.32 13.53 18.53
C GLU A 76 -7.07 12.78 19.01
N GLN A 77 -6.96 11.52 18.64
CA GLN A 77 -5.81 10.70 19.04
C GLN A 77 -4.50 11.15 18.40
N ASN A 78 -4.57 11.70 17.19
CA ASN A 78 -3.39 12.16 16.47
C ASN A 78 -3.29 13.67 16.41
N PHE A 79 -4.39 14.36 16.64
CA PHE A 79 -4.39 15.81 16.59
C PHE A 79 -5.18 16.39 17.74
N ASP A 80 -5.34 17.71 17.73
CA ASP A 80 -6.07 18.41 18.78
C ASP A 80 -7.24 19.21 18.18
N PHE A 81 -8.14 19.67 19.04
CA PHE A 81 -9.27 20.46 18.58
C PHE A 81 -9.57 21.59 19.56
N SER A 82 -10.19 22.64 19.05
CA SER A 82 -10.61 23.76 19.89
C SER A 82 -11.93 23.26 20.45
N LEU A 83 -12.62 24.12 21.18
CA LEU A 83 -13.92 23.76 21.71
C LEU A 83 -14.80 23.69 20.45
N PRO A 84 -15.92 22.96 20.51
CA PRO A 84 -16.79 22.84 19.34
C PRO A 84 -17.34 24.18 18.82
N ILE A 85 -17.41 24.33 17.50
CA ILE A 85 -17.94 25.55 16.92
C ILE A 85 -19.35 25.35 16.36
N PHE A 86 -19.87 24.14 16.50
CA PHE A 86 -21.20 23.79 15.98
C PHE A 86 -21.61 22.37 16.37
N ALA A 87 -22.91 22.14 16.49
CA ALA A 87 -23.46 20.83 16.81
C ALA A 87 -24.05 20.26 15.52
N SER A 88 -23.51 19.14 15.06
CA SER A 88 -23.96 18.52 13.83
C SER A 88 -24.29 17.04 14.02
N GLY A 89 -24.35 16.31 12.92
CA GLY A 89 -24.66 14.88 12.98
C GLY A 89 -25.00 14.32 11.63
N LEU A 90 -24.91 13.00 11.50
CA LEU A 90 -25.22 12.31 10.24
C LEU A 90 -26.72 12.16 10.04
N GLN A 91 -27.15 12.35 8.80
CA GLN A 91 -28.56 12.30 8.45
C GLN A 91 -28.77 11.60 7.12
N ILE A 92 -29.92 10.95 6.99
CA ILE A 92 -30.26 10.27 5.75
C ILE A 92 -31.14 11.17 4.89
N MET A 93 -30.86 11.21 3.60
CA MET A 93 -31.62 12.00 2.65
C MET A 93 -31.95 11.10 1.45
N VAL A 94 -33.21 11.12 1.04
CA VAL A 94 -33.64 10.30 -0.08
C VAL A 94 -34.28 11.18 -1.15
N ARG A 95 -34.63 10.58 -2.28
CA ARG A 95 -35.27 11.31 -3.36
C ARG A 95 -36.70 11.68 -2.98
N ASN A 96 -37.21 12.76 -3.56
CA ASN A 96 -38.57 13.19 -3.25
C ASN A 96 -39.56 12.09 -3.63
N GLY A 102 -41.06 7.28 3.48
CA GLY A 102 -41.49 6.09 2.75
C GLY A 102 -40.96 4.80 3.35
N ASP A 103 -40.01 4.18 2.65
CA ASP A 103 -39.40 2.93 3.10
C ASP A 103 -38.11 3.14 3.87
N ILE A 104 -37.14 3.81 3.25
CA ILE A 104 -35.88 4.07 3.92
C ILE A 104 -36.05 5.17 4.96
N ARG A 105 -35.85 4.82 6.23
CA ARG A 105 -36.01 5.80 7.30
C ARG A 105 -34.97 5.67 8.40
N SER A 106 -34.23 4.56 8.43
CA SER A 106 -33.21 4.37 9.44
C SER A 106 -32.10 3.51 8.85
N ILE A 107 -31.05 3.28 9.63
CA ILE A 107 -29.95 2.46 9.15
C ILE A 107 -30.46 1.07 8.84
N ASP A 108 -31.50 0.67 9.55
CA ASP A 108 -32.13 -0.64 9.38
C ASP A 108 -32.65 -0.89 7.96
N ASP A 109 -32.83 0.17 7.17
CA ASP A 109 -33.31 -0.01 5.80
C ASP A 109 -32.18 0.13 4.79
N LEU A 110 -30.98 0.44 5.28
CA LEU A 110 -29.85 0.62 4.40
C LEU A 110 -29.14 -0.67 3.97
N PRO A 111 -29.35 -1.77 4.70
CA PRO A 111 -28.65 -2.98 4.24
C PRO A 111 -29.02 -3.28 2.78
N GLY A 112 -28.02 -3.62 1.98
CA GLY A 112 -28.26 -3.92 0.58
C GLY A 112 -28.45 -2.71 -0.32
N LYS A 113 -28.45 -1.52 0.27
CA LYS A 113 -28.63 -0.30 -0.52
C LYS A 113 -27.29 0.35 -0.86
N VAL A 114 -27.31 1.26 -1.82
CA VAL A 114 -26.12 2.00 -2.21
C VAL A 114 -26.33 3.40 -1.61
N VAL A 115 -25.43 3.82 -0.71
CA VAL A 115 -25.56 5.14 -0.08
C VAL A 115 -24.38 6.00 -0.52
N ALA A 116 -24.67 7.15 -1.11
CA ALA A 116 -23.62 8.05 -1.57
C ALA A 116 -23.23 9.10 -0.54
N THR A 117 -21.93 9.39 -0.47
CA THR A 117 -21.41 10.42 0.44
C THR A 117 -20.03 10.83 -0.08
N THR A 118 -19.41 11.83 0.54
CA THR A 118 -18.10 12.26 0.11
C THR A 118 -17.04 11.29 0.58
N ALA A 119 -15.96 11.14 -0.18
CA ALA A 119 -14.87 10.23 0.23
C ALA A 119 -14.11 10.87 1.39
N GLY A 120 -13.64 10.06 2.34
CA GLY A 120 -12.87 10.61 3.44
C GLY A 120 -13.66 11.20 4.59
N SER A 121 -14.99 11.16 4.49
CA SER A 121 -15.83 11.75 5.56
C SER A 121 -16.16 10.78 6.68
N THR A 122 -16.76 11.32 7.73
CA THR A 122 -17.17 10.50 8.83
C THR A 122 -18.36 9.67 8.34
N ALA A 123 -19.16 10.24 7.44
CA ALA A 123 -20.30 9.50 6.89
C ALA A 123 -19.76 8.23 6.24
N ALA A 124 -18.75 8.38 5.40
CA ALA A 124 -18.12 7.24 4.72
C ALA A 124 -17.69 6.19 5.73
N THR A 125 -16.88 6.61 6.71
CA THR A 125 -16.40 5.70 7.76
C THR A 125 -17.57 5.03 8.49
N TYR A 126 -18.60 5.81 8.81
CA TYR A 126 -19.76 5.27 9.50
C TYR A 126 -20.47 4.16 8.68
N LEU A 127 -20.69 4.45 7.40
CA LEU A 127 -21.33 3.52 6.49
C LEU A 127 -20.50 2.24 6.32
N ARG A 128 -19.20 2.40 6.15
CA ARG A 128 -18.33 1.24 6.00
C ARG A 128 -18.35 0.37 7.26
N GLU A 129 -18.27 0.99 8.42
CA GLU A 129 -18.27 0.25 9.66
C GLU A 129 -19.57 -0.51 9.90
N HIS A 130 -20.65 -0.08 9.25
CA HIS A 130 -21.95 -0.72 9.39
C HIS A 130 -22.23 -1.64 8.21
N HIS A 131 -21.20 -1.86 7.39
CA HIS A 131 -21.26 -2.75 6.25
C HIS A 131 -22.35 -2.39 5.27
N ILE A 132 -22.42 -1.11 4.94
CA ILE A 132 -23.38 -0.60 3.98
C ILE A 132 -22.55 -0.25 2.75
N SER A 133 -23.06 -0.54 1.56
CA SER A 133 -22.33 -0.21 0.35
C SER A 133 -22.38 1.30 0.22
N VAL A 134 -21.21 1.91 0.10
CA VAL A 134 -21.12 3.36 0.01
C VAL A 134 -20.39 3.83 -1.25
N LEU A 135 -21.04 4.72 -1.98
CA LEU A 135 -20.46 5.30 -3.18
C LEU A 135 -19.74 6.54 -2.68
N GLU A 136 -18.41 6.49 -2.66
CA GLU A 136 -17.60 7.59 -2.18
C GLU A 136 -17.11 8.46 -3.33
N VAL A 137 -17.68 9.66 -3.41
CA VAL A 137 -17.33 10.61 -4.45
C VAL A 137 -16.43 11.70 -3.90
N PRO A 138 -15.56 12.27 -4.75
CA PRO A 138 -14.65 13.33 -4.28
C PRO A 138 -15.38 14.64 -4.00
N LYS A 139 -16.53 14.84 -4.63
CA LYS A 139 -17.32 16.05 -4.44
C LYS A 139 -18.76 15.74 -4.08
N ILE A 140 -19.23 16.29 -2.97
CA ILE A 140 -20.60 16.04 -2.50
C ILE A 140 -21.64 16.24 -3.60
N GLU A 141 -21.37 17.18 -4.50
CA GLU A 141 -22.27 17.49 -5.60
C GLU A 141 -22.57 16.22 -6.39
N GLU A 142 -21.57 15.35 -6.53
CA GLU A 142 -21.75 14.11 -7.24
C GLU A 142 -22.71 13.20 -6.47
N ALA A 143 -22.62 13.24 -5.15
CA ALA A 143 -23.49 12.43 -4.30
C ALA A 143 -24.94 12.75 -4.62
N TYR A 144 -25.27 14.04 -4.60
CA TYR A 144 -26.62 14.52 -4.91
C TYR A 144 -27.05 14.07 -6.30
N LYS A 145 -26.14 14.18 -7.27
CA LYS A 145 -26.44 13.77 -8.64
C LYS A 145 -26.72 12.27 -8.73
N ALA A 146 -25.91 11.48 -8.03
CA ALA A 146 -26.06 10.03 -8.01
C ALA A 146 -27.41 9.64 -7.42
N LEU A 147 -27.90 10.44 -6.47
CA LEU A 147 -29.18 10.18 -5.85
C LEU A 147 -30.30 10.45 -6.85
N GLN A 148 -30.20 11.58 -7.54
CA GLN A 148 -31.21 11.96 -8.53
C GLN A 148 -31.20 11.06 -9.75
N THR A 149 -30.03 10.52 -10.08
CA THR A 149 -29.86 9.63 -11.22
C THR A 149 -30.23 8.22 -10.83
N LYS A 150 -30.50 8.03 -9.55
CA LYS A 150 -30.89 6.74 -9.02
C LYS A 150 -29.75 5.73 -8.90
N LYS A 151 -28.51 6.18 -9.11
CA LYS A 151 -27.37 5.29 -8.98
C LYS A 151 -27.28 4.90 -7.51
N ALA A 152 -27.59 5.85 -6.64
CA ALA A 152 -27.58 5.60 -5.21
C ALA A 152 -29.03 5.62 -4.74
N ASP A 153 -29.29 4.90 -3.66
CA ASP A 153 -30.63 4.84 -3.09
C ASP A 153 -30.79 5.92 -2.05
N ALA A 154 -29.68 6.48 -1.59
CA ALA A 154 -29.77 7.52 -0.59
C ALA A 154 -28.43 8.18 -0.40
N VAL A 155 -28.43 9.19 0.44
CA VAL A 155 -27.20 9.91 0.75
C VAL A 155 -27.19 10.05 2.25
N VAL A 156 -26.01 9.90 2.83
CA VAL A 156 -25.85 10.08 4.26
C VAL A 156 -24.73 11.09 4.35
N PHE A 157 -25.01 12.21 5.02
CA PHE A 157 -24.02 13.26 5.18
C PHE A 157 -24.47 14.12 6.34
N ASP A 158 -23.70 15.18 6.61
CA ASP A 158 -23.97 16.10 7.72
C ASP A 158 -25.34 16.80 7.59
N ALA A 159 -26.16 16.70 8.64
CA ALA A 159 -27.48 17.32 8.65
C ALA A 159 -27.53 18.77 8.19
N PRO A 160 -26.73 19.66 8.80
CA PRO A 160 -26.72 21.09 8.44
C PRO A 160 -26.50 21.29 6.95
N VAL A 161 -25.57 20.52 6.40
CA VAL A 161 -25.23 20.62 4.98
C VAL A 161 -26.36 20.13 4.08
N LEU A 162 -26.96 18.99 4.43
CA LEU A 162 -28.05 18.43 3.63
C LEU A 162 -29.28 19.34 3.71
N LEU A 163 -29.55 19.86 4.90
CA LEU A 163 -30.71 20.73 5.07
C LEU A 163 -30.58 21.96 4.17
N PHE A 164 -29.36 22.52 4.12
CA PHE A 164 -29.10 23.70 3.31
C PHE A 164 -29.34 23.39 1.84
N TYR A 165 -28.94 22.19 1.42
CA TYR A 165 -29.13 21.76 0.05
C TYR A 165 -30.61 21.57 -0.27
N ALA A 166 -31.33 20.87 0.61
CA ALA A 166 -32.74 20.60 0.42
C ALA A 166 -33.57 21.89 0.29
N ALA A 167 -33.11 22.94 0.96
CA ALA A 167 -33.79 24.22 0.92
C ALA A 167 -33.40 25.00 -0.33
N ASN A 168 -32.25 24.67 -0.90
CA ASN A 168 -31.75 25.36 -2.10
C ASN A 168 -31.83 24.52 -3.38
N GLU A 169 -30.67 24.22 -3.96
CA GLU A 169 -30.62 23.44 -5.20
C GLU A 169 -31.38 22.13 -5.15
N GLY A 170 -31.66 21.64 -3.94
CA GLY A 170 -32.37 20.37 -3.81
C GLY A 170 -33.87 20.45 -3.62
N LYS A 171 -34.40 21.65 -3.39
CA LYS A 171 -35.84 21.81 -3.16
C LYS A 171 -36.70 21.09 -4.20
N GLY A 172 -37.64 20.31 -3.71
CA GLY A 172 -38.55 19.58 -4.57
C GLY A 172 -38.05 18.25 -5.11
N LYS A 173 -36.78 17.95 -4.90
CA LYS A 173 -36.24 16.70 -5.43
C LYS A 173 -35.68 15.79 -4.36
N VAL A 174 -35.66 16.25 -3.11
CA VAL A 174 -35.10 15.44 -2.05
C VAL A 174 -35.92 15.54 -0.77
N GLU A 175 -35.69 14.60 0.14
CA GLU A 175 -36.41 14.60 1.39
C GLU A 175 -35.51 14.11 2.51
N ILE A 176 -35.38 14.90 3.57
CA ILE A 176 -34.56 14.49 4.71
C ILE A 176 -35.48 13.61 5.56
N VAL A 177 -35.03 12.40 5.84
CA VAL A 177 -35.82 11.43 6.58
C VAL A 177 -35.15 10.88 7.83
N GLY A 178 -35.97 10.44 8.79
CA GLY A 178 -35.46 9.86 10.02
C GLY A 178 -34.76 10.84 10.94
N SER A 179 -34.27 10.34 12.08
CA SER A 179 -33.58 11.19 13.03
C SER A 179 -32.06 11.10 12.83
N ILE A 180 -31.32 11.86 13.63
CA ILE A 180 -29.86 11.86 13.54
C ILE A 180 -29.30 10.48 13.85
N LEU A 181 -28.49 9.97 12.93
CA LEU A 181 -27.88 8.65 13.08
C LEU A 181 -26.80 8.65 14.14
N ARG A 182 -26.04 9.73 14.19
CA ARG A 182 -24.94 9.86 15.12
C ARG A 182 -24.61 11.33 15.28
N GLU A 183 -24.66 11.82 16.52
CA GLU A 183 -24.36 13.21 16.79
C GLU A 183 -22.87 13.49 16.65
N GLU A 184 -22.53 14.60 16.02
CA GLU A 184 -21.12 14.98 15.85
C GLU A 184 -21.00 16.50 16.00
N SER A 185 -19.95 16.96 16.67
CA SER A 185 -19.77 18.39 16.78
C SER A 185 -18.60 18.79 15.86
N TYR A 186 -18.61 20.04 15.40
CA TYR A 186 -17.54 20.54 14.54
C TYR A 186 -16.58 21.31 15.42
N GLY A 187 -15.31 21.29 15.03
CA GLY A 187 -14.31 22.03 15.78
C GLY A 187 -13.24 22.52 14.85
N ILE A 188 -12.34 23.34 15.40
CA ILE A 188 -11.22 23.86 14.63
C ILE A 188 -10.13 22.88 14.97
N ILE A 189 -9.59 22.18 13.97
CA ILE A 189 -8.57 21.19 14.22
C ILE A 189 -7.18 21.81 14.23
N LEU A 190 -6.33 21.33 15.12
CA LEU A 190 -4.98 21.86 15.24
C LEU A 190 -3.98 20.76 15.53
N PRO A 191 -2.68 21.07 15.36
CA PRO A 191 -1.68 20.04 15.65
C PRO A 191 -1.59 19.95 17.17
N ASN A 192 -1.02 18.86 17.67
CA ASN A 192 -0.89 18.70 19.11
C ASN A 192 0.03 19.77 19.66
N ASN A 193 -0.18 20.16 20.90
CA ASN A 193 0.65 21.17 21.55
C ASN A 193 0.57 22.54 20.90
N SER A 194 -0.49 22.79 20.14
CA SER A 194 -0.63 24.09 19.47
C SER A 194 -0.81 25.25 20.43
N PRO A 195 0.03 26.28 20.31
CA PRO A 195 -0.07 27.44 21.19
C PRO A 195 -1.23 28.35 20.81
N TYR A 196 -2.01 27.95 19.82
CA TYR A 196 -3.14 28.76 19.41
C TYR A 196 -4.47 28.20 19.94
N ARG A 197 -4.46 26.96 20.43
CA ARG A 197 -5.68 26.35 20.95
C ARG A 197 -6.39 27.25 21.96
N LYS A 198 -5.73 27.57 23.07
CA LYS A 198 -6.35 28.41 24.11
C LYS A 198 -6.84 29.79 23.65
N PRO A 199 -6.02 30.54 22.89
CA PRO A 199 -6.52 31.85 22.48
C PRO A 199 -7.74 31.74 21.58
N ILE A 200 -7.76 30.73 20.72
CA ILE A 200 -8.91 30.54 19.85
C ILE A 200 -10.10 30.25 20.77
N ASN A 201 -9.94 29.28 21.67
CA ASN A 201 -11.01 28.94 22.61
C ASN A 201 -11.53 30.18 23.32
N GLN A 202 -10.59 30.96 23.85
CA GLN A 202 -10.91 32.19 24.57
C GLN A 202 -11.68 33.13 23.67
N ALA A 203 -11.20 33.31 22.45
CA ALA A 203 -11.88 34.18 21.49
C ALA A 203 -13.31 33.69 21.22
N LEU A 204 -13.45 32.40 20.92
CA LEU A 204 -14.76 31.80 20.65
C LEU A 204 -15.73 32.02 21.81
N LEU A 205 -15.25 31.77 23.02
CA LEU A 205 -16.06 31.94 24.21
C LEU A 205 -16.51 33.40 24.31
N ASN A 206 -15.63 34.36 24.09
CA ASN A 206 -16.03 35.75 24.16
C ASN A 206 -17.14 36.01 23.13
N LEU A 207 -17.04 35.43 21.94
CA LEU A 207 -18.08 35.66 20.92
C LEU A 207 -19.40 35.02 21.35
N LYS A 208 -19.31 33.85 21.97
CA LYS A 208 -20.51 33.17 22.44
C LYS A 208 -21.11 33.96 23.61
N GLU A 209 -20.28 34.65 24.36
CA GLU A 209 -20.78 35.39 25.51
C GLU A 209 -21.24 36.83 25.24
N ASN A 210 -20.89 37.41 24.09
CA ASN A 210 -21.31 38.78 23.81
C ASN A 210 -22.35 38.85 22.69
N GLY A 211 -22.89 37.69 22.32
CA GLY A 211 -23.91 37.63 21.29
C GLY A 211 -23.43 37.52 19.85
N THR A 212 -22.14 37.60 19.61
CA THR A 212 -21.64 37.51 18.24
C THR A 212 -21.92 36.14 17.62
N TYR A 213 -21.68 35.09 18.39
CA TYR A 213 -21.92 33.74 17.91
C TYR A 213 -23.39 33.62 17.50
N GLN A 214 -24.28 34.06 18.38
CA GLN A 214 -25.72 34.03 18.12
C GLN A 214 -26.06 34.67 16.78
N SER A 215 -25.52 35.88 16.56
CA SER A 215 -25.77 36.61 15.32
C SER A 215 -25.30 35.84 14.09
N LEU A 216 -24.09 35.29 14.17
CA LEU A 216 -23.56 34.54 13.05
C LEU A 216 -24.41 33.31 12.81
N TYR A 217 -24.82 32.65 13.89
CA TYR A 217 -25.66 31.47 13.75
C TYR A 217 -26.98 31.81 13.06
N ASP A 218 -27.63 32.89 13.50
CA ASP A 218 -28.91 33.30 12.91
C ASP A 218 -28.76 33.67 11.44
N LYS A 219 -27.73 34.45 11.16
CA LYS A 219 -27.51 34.85 9.79
C LYS A 219 -27.47 33.65 8.86
N TRP A 220 -26.80 32.59 9.27
CA TRP A 220 -26.68 31.42 8.41
C TRP A 220 -27.63 30.23 8.61
N PHE A 221 -28.29 30.16 9.76
CA PHE A 221 -29.16 29.03 10.01
C PHE A 221 -30.59 29.35 10.42
N ASP A 222 -31.03 30.57 10.18
CA ASP A 222 -32.39 30.97 10.52
C ASP A 222 -33.31 30.49 9.40
N PRO A 223 -34.45 29.87 9.76
CA PRO A 223 -35.38 29.40 8.73
C PRO A 223 -35.95 30.53 7.88
N PRO B 4 -1.40 -23.44 20.59
CA PRO B 4 -1.88 -23.37 19.19
C PRO B 4 -2.14 -21.92 18.77
N LEU B 5 -1.26 -21.38 17.93
CA LEU B 5 -1.39 -19.99 17.47
C LEU B 5 -2.70 -19.69 16.78
N LEU B 6 -3.21 -18.49 17.06
CA LEU B 6 -4.45 -18.02 16.47
C LEU B 6 -4.05 -17.29 15.20
N VAL B 7 -4.49 -17.80 14.06
CA VAL B 7 -4.15 -17.19 12.79
C VAL B 7 -5.39 -16.63 12.08
N ALA B 8 -5.39 -15.32 11.82
CA ALA B 8 -6.52 -14.68 11.15
C ALA B 8 -6.44 -14.98 9.67
N THR B 9 -7.59 -15.28 9.07
CA THR B 9 -7.64 -15.52 7.64
C THR B 9 -8.82 -14.73 7.09
N ARG B 10 -8.83 -14.53 5.78
CA ARG B 10 -9.89 -13.81 5.11
C ARG B 10 -10.11 -14.58 3.82
N VAL B 11 -11.36 -14.89 3.53
CA VAL B 11 -11.76 -15.64 2.35
C VAL B 11 -11.60 -14.79 1.09
N ILE B 12 -10.76 -15.27 0.18
CA ILE B 12 -10.49 -14.57 -1.08
C ILE B 12 -9.81 -15.55 -2.04
N PRO B 13 -10.59 -16.29 -2.84
CA PRO B 13 -10.04 -17.27 -3.78
C PRO B 13 -9.21 -16.62 -4.88
N PRO B 14 -8.20 -17.35 -5.38
CA PRO B 14 -7.82 -18.72 -4.97
C PRO B 14 -6.82 -18.81 -3.82
N PHE B 15 -6.63 -17.71 -3.08
CA PHE B 15 -5.71 -17.74 -1.95
C PHE B 15 -6.33 -18.43 -0.74
N VAL B 16 -7.58 -18.11 -0.44
CA VAL B 16 -8.32 -18.71 0.65
C VAL B 16 -9.75 -19.01 0.21
N LEU B 17 -10.15 -20.28 0.31
CA LEU B 17 -11.50 -20.70 -0.05
C LEU B 17 -12.12 -21.49 1.09
N SER B 18 -13.45 -21.54 1.13
CA SER B 18 -14.18 -22.26 2.18
C SER B 18 -15.45 -22.96 1.69
N ASN B 19 -15.60 -24.24 2.05
CA ASN B 19 -16.78 -25.01 1.66
C ASN B 19 -17.66 -25.41 2.84
N LEU B 23 -11.51 -25.05 4.37
CA LEU B 23 -10.52 -24.02 4.06
C LEU B 23 -9.40 -24.54 3.17
N SER B 24 -9.23 -23.93 2.01
CA SER B 24 -8.19 -24.33 1.08
C SER B 24 -7.68 -23.13 0.30
N GLY B 25 -6.73 -23.37 -0.60
CA GLY B 25 -6.21 -22.28 -1.39
C GLY B 25 -4.71 -22.16 -1.26
N PHE B 26 -4.12 -21.30 -2.08
CA PHE B 26 -2.69 -21.12 -2.04
C PHE B 26 -2.15 -20.68 -0.67
N SER B 27 -2.74 -19.64 -0.08
CA SER B 27 -2.24 -19.20 1.21
C SER B 27 -2.47 -20.22 2.32
N ILE B 28 -3.62 -20.91 2.26
CA ILE B 28 -3.91 -21.95 3.25
C ILE B 28 -2.79 -23.02 3.18
N ASP B 29 -2.44 -23.47 1.97
CA ASP B 29 -1.38 -24.47 1.82
C ASP B 29 0.01 -23.96 2.20
N LEU B 30 0.29 -22.71 1.82
CA LEU B 30 1.58 -22.13 2.16
C LEU B 30 1.74 -22.00 3.68
N TRP B 31 0.73 -21.46 4.36
CA TRP B 31 0.85 -21.32 5.81
C TRP B 31 1.01 -22.69 6.49
N ARG B 32 0.23 -23.68 6.06
CA ARG B 32 0.30 -25.01 6.65
C ARG B 32 1.73 -25.56 6.56
N SER B 33 2.40 -25.36 5.41
CA SER B 33 3.76 -25.85 5.23
C SER B 33 4.74 -25.12 6.14
N ILE B 34 4.59 -23.81 6.20
CA ILE B 34 5.44 -22.98 7.02
C ILE B 34 5.30 -23.40 8.48
N ALA B 35 4.06 -23.61 8.90
CA ALA B 35 3.76 -24.01 10.28
C ALA B 35 4.26 -25.41 10.60
N THR B 36 4.05 -26.33 9.67
CA THR B 36 4.49 -27.70 9.91
C THR B 36 6.02 -27.73 9.99
N GLN B 37 6.68 -26.94 9.16
CA GLN B 37 8.13 -26.92 9.18
C GLN B 37 8.72 -26.27 10.43
N ILE B 38 7.99 -25.31 11.02
CA ILE B 38 8.44 -24.61 12.23
C ILE B 38 8.11 -25.41 13.50
N GLY B 39 7.13 -26.32 13.39
CA GLY B 39 6.75 -27.12 14.54
C GLY B 39 5.63 -26.43 15.29
N ILE B 40 4.99 -25.49 14.61
CA ILE B 40 3.89 -24.77 15.21
C ILE B 40 2.54 -25.31 14.73
N GLU B 41 1.58 -25.34 15.65
CA GLU B 41 0.23 -25.81 15.35
C GLU B 41 -0.63 -24.57 15.43
N SER B 42 -1.67 -24.47 14.60
CA SER B 42 -2.48 -23.27 14.61
C SER B 42 -3.97 -23.47 14.40
N LYS B 43 -4.73 -22.43 14.78
CA LYS B 43 -6.18 -22.43 14.63
C LYS B 43 -6.55 -21.19 13.81
N LEU B 44 -7.20 -21.42 12.68
CA LEU B 44 -7.58 -20.34 11.78
C LEU B 44 -8.90 -19.66 12.14
N ILE B 45 -8.85 -18.34 12.27
CA ILE B 45 -10.01 -17.53 12.61
C ILE B 45 -10.39 -16.63 11.42
N GLU B 46 -11.60 -16.80 10.90
CA GLU B 46 -12.09 -16.04 9.75
C GLU B 46 -12.52 -14.62 10.08
N TYR B 47 -12.13 -13.67 9.24
CA TYR B 47 -12.53 -12.27 9.39
C TYR B 47 -13.15 -11.84 8.06
N SER B 48 -14.04 -10.87 8.13
CA SER B 48 -14.79 -10.42 6.96
C SER B 48 -14.14 -9.40 6.01
N SER B 49 -13.06 -8.78 6.45
CA SER B 49 -12.41 -7.78 5.62
C SER B 49 -10.99 -7.62 6.10
N VAL B 50 -10.17 -6.96 5.29
CA VAL B 50 -8.79 -6.72 5.65
C VAL B 50 -8.69 -5.86 6.92
N PRO B 51 -9.40 -4.72 6.97
CA PRO B 51 -9.28 -3.92 8.19
C PRO B 51 -9.75 -4.67 9.44
N GLU B 52 -10.77 -5.50 9.27
CA GLU B 52 -11.27 -6.30 10.38
C GLU B 52 -10.18 -7.27 10.84
N LEU B 53 -9.45 -7.84 9.89
CA LEU B 53 -8.36 -8.75 10.21
C LEU B 53 -7.22 -7.99 10.90
N ILE B 54 -6.87 -6.82 10.36
CA ILE B 54 -5.82 -6.01 10.94
C ILE B 54 -6.16 -5.62 12.38
N SER B 55 -7.39 -5.20 12.64
CA SER B 55 -7.77 -4.82 14.00
C SER B 55 -7.62 -5.98 14.99
N ALA B 56 -7.89 -7.21 14.55
CA ALA B 56 -7.75 -8.38 15.42
C ALA B 56 -6.28 -8.51 15.84
N ILE B 57 -5.39 -8.22 14.90
CA ILE B 57 -3.95 -8.25 15.15
C ILE B 57 -3.62 -7.12 16.14
N LYS B 58 -4.10 -5.92 15.82
CA LYS B 58 -3.85 -4.74 16.66
C LYS B 58 -4.30 -4.94 18.11
N ASP B 59 -5.49 -5.49 18.31
CA ASP B 59 -6.01 -5.70 19.64
C ASP B 59 -5.58 -7.02 20.27
N ASN B 60 -4.49 -7.59 19.75
CA ASN B 60 -3.96 -8.86 20.24
C ASN B 60 -4.99 -9.99 20.37
N LYS B 61 -5.88 -10.12 19.38
CA LYS B 61 -6.89 -11.19 19.39
C LYS B 61 -6.38 -12.38 18.59
N VAL B 62 -5.33 -12.17 17.81
CA VAL B 62 -4.72 -13.25 17.02
C VAL B 62 -3.22 -13.00 17.00
N ASN B 63 -2.45 -14.01 16.64
CA ASN B 63 -1.00 -13.86 16.62
C ASN B 63 -0.42 -13.39 15.31
N LEU B 64 -1.18 -13.54 14.23
CA LEU B 64 -0.74 -13.13 12.90
C LEU B 64 -1.90 -13.39 11.95
N GLY B 65 -1.75 -12.98 10.69
CA GLY B 65 -2.82 -13.17 9.73
C GLY B 65 -2.26 -13.40 8.34
N ILE B 66 -2.99 -14.15 7.52
CA ILE B 66 -2.55 -14.42 6.16
C ILE B 66 -3.77 -14.58 5.28
N ALA B 67 -3.65 -14.15 4.03
CA ALA B 67 -4.72 -14.23 3.04
C ALA B 67 -4.10 -13.66 1.76
N ALA B 68 -4.64 -12.54 1.33
CA ALA B 68 -4.16 -11.83 0.16
C ALA B 68 -3.94 -10.43 0.70
N ILE B 69 -3.06 -10.33 1.69
CA ILE B 69 -2.75 -9.09 2.37
C ILE B 69 -1.61 -8.25 1.80
N SER B 70 -1.95 -7.17 1.10
CA SER B 70 -0.94 -6.30 0.51
C SER B 70 -0.08 -5.61 1.57
N ILE B 71 1.23 -5.59 1.30
CA ILE B 71 2.18 -4.93 2.18
C ILE B 71 2.21 -3.47 1.71
N THR B 72 1.95 -2.54 2.61
CA THR B 72 1.96 -1.13 2.26
C THR B 72 2.69 -0.33 3.30
N ALA B 73 3.02 0.91 2.95
CA ALA B 73 3.73 1.79 3.88
C ALA B 73 2.92 2.05 5.13
N GLU B 74 1.63 2.30 4.94
CA GLU B 74 0.73 2.60 6.06
C GLU B 74 0.59 1.44 7.05
N ARG B 75 0.45 0.23 6.50
CA ARG B 75 0.34 -0.95 7.34
C ARG B 75 1.68 -1.27 8.00
N GLU B 76 2.76 -1.05 7.28
CA GLU B 76 4.09 -1.32 7.80
C GLU B 76 4.44 -0.39 8.96
N GLN B 77 3.78 0.77 8.99
CA GLN B 77 4.05 1.72 10.05
C GLN B 77 3.64 1.21 11.43
N ASN B 78 2.52 0.51 11.50
CA ASN B 78 2.03 0.00 12.78
C ASN B 78 2.10 -1.50 12.95
N PHE B 79 2.43 -2.20 11.86
CA PHE B 79 2.50 -3.65 11.92
C PHE B 79 3.75 -4.17 11.22
N ASP B 80 4.05 -5.45 11.42
CA ASP B 80 5.22 -6.07 10.82
C ASP B 80 4.78 -7.05 9.73
N PHE B 81 5.67 -7.30 8.77
CA PHE B 81 5.39 -8.22 7.68
C PHE B 81 6.54 -9.20 7.49
N SER B 82 6.21 -10.41 7.05
CA SER B 82 7.22 -11.40 6.76
C SER B 82 7.69 -10.99 5.38
N LEU B 83 8.57 -11.80 4.80
CA LEU B 83 9.04 -11.57 3.45
C LEU B 83 7.81 -11.79 2.58
N PRO B 84 7.76 -11.17 1.40
CA PRO B 84 6.60 -11.36 0.52
C PRO B 84 6.33 -12.82 0.20
N ILE B 85 5.05 -13.21 0.15
CA ILE B 85 4.71 -14.60 -0.17
C ILE B 85 4.17 -14.71 -1.57
N PHE B 86 3.95 -13.57 -2.21
CA PHE B 86 3.37 -13.53 -3.55
C PHE B 86 3.52 -12.16 -4.20
N ALA B 87 3.62 -12.13 -5.53
CA ALA B 87 3.73 -10.89 -6.29
C ALA B 87 2.38 -10.67 -6.95
N SER B 88 1.72 -9.56 -6.62
CA SER B 88 0.39 -9.27 -7.17
C SER B 88 0.24 -7.79 -7.54
N GLY B 89 -0.99 -7.33 -7.74
CA GLY B 89 -1.20 -5.94 -8.08
C GLY B 89 -2.63 -5.64 -8.46
N LEU B 90 -2.97 -4.36 -8.57
CA LEU B 90 -4.32 -3.96 -8.93
C LEU B 90 -4.49 -3.98 -10.44
N GLN B 91 -5.68 -4.33 -10.89
CA GLN B 91 -5.98 -4.36 -12.31
C GLN B 91 -7.44 -3.98 -12.53
N ILE B 92 -7.75 -3.58 -13.76
CA ILE B 92 -9.10 -3.17 -14.10
C ILE B 92 -9.90 -4.30 -14.76
N MET B 93 -11.20 -4.35 -14.45
CA MET B 93 -12.12 -5.33 -15.01
C MET B 93 -13.45 -4.65 -15.34
N VAL B 94 -13.94 -4.83 -16.57
CA VAL B 94 -15.19 -4.23 -16.99
C VAL B 94 -16.09 -5.28 -17.63
N ARG B 95 -17.35 -4.92 -17.88
CA ARG B 95 -18.29 -5.84 -18.51
C ARG B 95 -17.92 -6.03 -19.97
N ASN B 96 -18.10 -7.25 -20.48
CA ASN B 96 -17.79 -7.52 -21.89
C ASN B 96 -19.00 -7.26 -22.77
N GLY B 102 -16.96 -0.74 -25.25
CA GLY B 102 -16.90 0.03 -24.01
C GLY B 102 -16.11 1.31 -24.17
N ASP B 103 -15.77 1.95 -23.04
CA ASP B 103 -15.01 3.19 -23.06
C ASP B 103 -13.98 3.23 -21.94
N ILE B 104 -13.72 2.08 -21.34
CA ILE B 104 -12.74 1.97 -20.27
C ILE B 104 -11.70 0.94 -20.66
N ARG B 105 -10.47 1.38 -20.84
CA ARG B 105 -9.38 0.50 -21.25
C ARG B 105 -8.14 0.65 -20.38
N SER B 106 -8.11 1.70 -19.57
CA SER B 106 -6.96 1.93 -18.70
C SER B 106 -7.29 2.93 -17.60
N ILE B 107 -6.29 3.22 -16.76
CA ILE B 107 -6.46 4.15 -15.66
C ILE B 107 -7.02 5.47 -16.16
N ASP B 108 -6.51 5.91 -17.30
CA ASP B 108 -6.92 7.16 -17.91
C ASP B 108 -8.41 7.21 -18.16
N ASP B 109 -9.07 6.06 -18.18
CA ASP B 109 -10.50 6.02 -18.43
C ASP B 109 -11.35 5.87 -17.17
N LEU B 110 -10.74 6.04 -16.00
CA LEU B 110 -11.48 5.89 -14.76
C LEU B 110 -12.07 7.18 -14.24
N PRO B 111 -11.28 8.28 -14.21
CA PRO B 111 -11.80 9.55 -13.71
C PRO B 111 -13.12 9.91 -14.37
N GLY B 112 -14.14 10.18 -13.55
CA GLY B 112 -15.45 10.52 -14.07
C GLY B 112 -16.33 9.30 -14.15
N LYS B 113 -15.82 8.17 -13.67
CA LYS B 113 -16.55 6.90 -13.66
C LYS B 113 -16.70 6.40 -12.23
N VAL B 114 -17.45 5.32 -12.05
CA VAL B 114 -17.68 4.69 -10.75
C VAL B 114 -17.08 3.28 -10.75
N VAL B 115 -16.11 3.07 -9.88
CA VAL B 115 -15.44 1.77 -9.78
C VAL B 115 -15.73 1.05 -8.47
N ALA B 116 -16.19 -0.21 -8.56
CA ALA B 116 -16.51 -0.99 -7.38
C ALA B 116 -15.33 -1.83 -6.92
N THR B 117 -15.22 -2.00 -5.60
CA THR B 117 -14.17 -2.80 -5.00
C THR B 117 -14.56 -3.03 -3.54
N THR B 118 -13.75 -3.80 -2.82
CA THR B 118 -14.03 -4.09 -1.42
C THR B 118 -13.67 -2.92 -0.51
N ALA B 119 -14.47 -2.72 0.53
CA ALA B 119 -14.23 -1.67 1.49
C ALA B 119 -12.95 -2.03 2.26
N GLY B 120 -12.11 -1.03 2.52
CA GLY B 120 -10.87 -1.25 3.25
C GLY B 120 -9.74 -1.91 2.47
N SER B 121 -9.88 -1.95 1.15
CA SER B 121 -8.88 -2.57 0.29
C SER B 121 -7.85 -1.58 -0.26
N THR B 122 -6.69 -2.10 -0.67
CA THR B 122 -5.69 -1.21 -1.25
C THR B 122 -6.26 -0.61 -2.52
N ALA B 123 -7.24 -1.29 -3.13
CA ALA B 123 -7.86 -0.79 -4.35
C ALA B 123 -8.74 0.43 -4.06
N ALA B 124 -9.47 0.38 -2.94
CA ALA B 124 -10.33 1.50 -2.57
C ALA B 124 -9.47 2.72 -2.28
N THR B 125 -8.33 2.49 -1.62
CA THR B 125 -7.38 3.55 -1.29
C THR B 125 -6.83 4.18 -2.57
N TYR B 126 -6.33 3.33 -3.46
CA TYR B 126 -5.80 3.79 -4.74
C TYR B 126 -6.85 4.64 -5.49
N LEU B 127 -8.06 4.13 -5.60
CA LEU B 127 -9.11 4.87 -6.30
C LEU B 127 -9.39 6.23 -5.66
N ARG B 128 -9.62 6.25 -4.35
CA ARG B 128 -9.90 7.50 -3.65
C ARG B 128 -8.80 8.53 -3.85
N GLU B 129 -7.56 8.10 -3.62
CA GLU B 129 -6.40 8.97 -3.76
C GLU B 129 -6.26 9.52 -5.18
N HIS B 130 -6.75 8.79 -6.18
CA HIS B 130 -6.70 9.24 -7.55
C HIS B 130 -8.01 9.91 -7.93
N HIS B 131 -8.72 10.37 -6.92
CA HIS B 131 -10.00 11.06 -7.08
C HIS B 131 -11.00 10.37 -7.99
N ILE B 132 -11.12 9.06 -7.87
CA ILE B 132 -12.07 8.28 -8.66
C ILE B 132 -13.23 7.87 -7.75
N SER B 133 -14.46 8.00 -8.25
CA SER B 133 -15.64 7.62 -7.49
C SER B 133 -15.61 6.11 -7.30
N VAL B 134 -15.65 5.70 -6.04
CA VAL B 134 -15.59 4.28 -5.70
C VAL B 134 -16.73 3.76 -4.86
N LEU B 135 -17.26 2.63 -5.30
CA LEU B 135 -18.35 1.94 -4.62
C LEU B 135 -17.72 0.86 -3.76
N GLU B 136 -17.47 1.20 -2.49
CA GLU B 136 -16.86 0.27 -1.56
C GLU B 136 -17.93 -0.64 -0.96
N VAL B 137 -17.90 -1.90 -1.35
CA VAL B 137 -18.87 -2.88 -0.87
C VAL B 137 -18.28 -3.73 0.25
N PRO B 138 -19.12 -4.23 1.16
CA PRO B 138 -18.66 -5.05 2.28
C PRO B 138 -18.34 -6.49 1.92
N LYS B 139 -18.73 -6.90 0.72
CA LYS B 139 -18.51 -8.29 0.25
C LYS B 139 -17.94 -8.29 -1.15
N ILE B 140 -16.84 -9.01 -1.35
CA ILE B 140 -16.21 -9.08 -2.66
C ILE B 140 -17.22 -9.45 -3.76
N GLU B 141 -18.09 -10.41 -3.45
CA GLU B 141 -19.08 -10.85 -4.43
C GLU B 141 -19.99 -9.69 -4.85
N GLU B 142 -20.25 -8.76 -3.93
CA GLU B 142 -21.12 -7.64 -4.24
C GLU B 142 -20.49 -6.67 -5.23
N ALA B 143 -19.16 -6.67 -5.31
CA ALA B 143 -18.48 -5.80 -6.24
C ALA B 143 -18.75 -6.31 -7.66
N TYR B 144 -18.64 -7.62 -7.84
CA TYR B 144 -18.89 -8.24 -9.15
C TYR B 144 -20.33 -7.98 -9.58
N LYS B 145 -21.26 -8.06 -8.62
CA LYS B 145 -22.68 -7.82 -8.89
C LYS B 145 -22.87 -6.39 -9.37
N ALA B 146 -22.33 -5.44 -8.61
CA ALA B 146 -22.43 -4.02 -8.95
C ALA B 146 -22.03 -3.78 -10.40
N LEU B 147 -21.08 -4.57 -10.89
CA LEU B 147 -20.61 -4.42 -12.26
C LEU B 147 -21.70 -4.93 -13.21
N GLN B 148 -22.24 -6.09 -12.92
CA GLN B 148 -23.28 -6.67 -13.75
C GLN B 148 -24.53 -5.77 -13.73
N THR B 149 -25.01 -5.45 -12.53
CA THR B 149 -26.18 -4.61 -12.35
C THR B 149 -25.95 -3.24 -12.96
N LYS B 150 -24.70 -3.00 -13.36
CA LYS B 150 -24.29 -1.74 -13.96
C LYS B 150 -24.21 -0.60 -12.95
N LYS B 151 -24.40 -0.92 -11.68
CA LYS B 151 -24.32 0.11 -10.64
C LYS B 151 -22.92 0.72 -10.73
N ALA B 152 -21.97 -0.10 -11.16
CA ALA B 152 -20.59 0.34 -11.33
C ALA B 152 -20.22 0.14 -12.79
N ASP B 153 -19.32 0.99 -13.28
CA ASP B 153 -18.85 0.94 -14.66
C ASP B 153 -17.72 -0.07 -14.81
N ALA B 154 -16.91 -0.19 -13.76
CA ALA B 154 -15.79 -1.10 -13.74
C ALA B 154 -15.47 -1.55 -12.32
N VAL B 155 -14.54 -2.48 -12.21
CA VAL B 155 -14.07 -3.00 -10.93
C VAL B 155 -12.54 -2.99 -10.93
N VAL B 156 -11.96 -2.57 -9.83
CA VAL B 156 -10.51 -2.55 -9.69
C VAL B 156 -10.20 -3.38 -8.44
N PHE B 157 -9.41 -4.43 -8.61
CA PHE B 157 -9.08 -5.31 -7.50
C PHE B 157 -7.81 -6.07 -7.81
N ASP B 158 -7.41 -6.95 -6.90
CA ASP B 158 -6.19 -7.74 -7.08
C ASP B 158 -6.28 -8.62 -8.34
N ALA B 159 -5.30 -8.45 -9.23
CA ALA B 159 -5.26 -9.20 -10.50
C ALA B 159 -5.51 -10.71 -10.39
N PRO B 160 -4.79 -11.38 -9.49
CA PRO B 160 -4.92 -12.83 -9.27
C PRO B 160 -6.35 -13.22 -8.93
N VAL B 161 -7.00 -12.41 -8.10
CA VAL B 161 -8.36 -12.70 -7.71
C VAL B 161 -9.34 -12.50 -8.86
N LEU B 162 -9.15 -11.42 -9.63
CA LEU B 162 -10.02 -11.15 -10.78
C LEU B 162 -9.88 -12.27 -11.82
N LEU B 163 -8.65 -12.67 -12.13
CA LEU B 163 -8.44 -13.74 -13.11
C LEU B 163 -9.22 -14.98 -12.75
N PHE B 164 -9.10 -15.42 -11.50
CA PHE B 164 -9.80 -16.61 -11.03
C PHE B 164 -11.32 -16.49 -11.20
N TYR B 165 -11.85 -15.33 -10.82
CA TYR B 165 -13.27 -15.05 -10.95
C TYR B 165 -13.66 -15.06 -12.43
N ALA B 166 -12.82 -14.46 -13.25
CA ALA B 166 -13.06 -14.38 -14.68
C ALA B 166 -13.00 -15.75 -15.34
N ALA B 167 -11.98 -16.53 -15.03
CA ALA B 167 -11.86 -17.86 -15.61
C ALA B 167 -12.89 -18.82 -15.03
N ASN B 168 -13.66 -18.36 -14.04
CA ASN B 168 -14.67 -19.20 -13.41
C ASN B 168 -16.09 -18.64 -13.38
N GLU B 169 -16.55 -18.29 -12.19
CA GLU B 169 -17.90 -17.76 -12.01
C GLU B 169 -18.29 -16.63 -12.96
N GLY B 170 -17.31 -15.83 -13.39
CA GLY B 170 -17.62 -14.72 -14.28
C GLY B 170 -17.23 -14.97 -15.72
N LYS B 171 -16.93 -16.22 -16.05
CA LYS B 171 -16.52 -16.58 -17.40
C LYS B 171 -17.56 -16.17 -18.45
N GLY B 172 -17.10 -15.48 -19.48
CA GLY B 172 -17.97 -15.05 -20.56
C GLY B 172 -18.99 -14.02 -20.15
N LYS B 173 -18.68 -13.26 -19.11
CA LYS B 173 -19.60 -12.24 -18.62
C LYS B 173 -18.83 -11.00 -18.20
N VAL B 174 -17.51 -11.08 -18.29
CA VAL B 174 -16.67 -9.97 -17.89
C VAL B 174 -15.34 -10.00 -18.65
N GLU B 175 -14.53 -8.96 -18.48
CA GLU B 175 -13.24 -8.90 -19.15
C GLU B 175 -12.23 -8.05 -18.38
N ILE B 176 -10.97 -8.49 -18.37
CA ILE B 176 -9.90 -7.78 -17.70
C ILE B 176 -9.16 -6.93 -18.72
N VAL B 177 -8.90 -5.67 -18.39
CA VAL B 177 -8.24 -4.77 -19.32
C VAL B 177 -7.06 -4.00 -18.74
N GLY B 178 -6.17 -3.59 -19.63
CA GLY B 178 -4.99 -2.83 -19.24
C GLY B 178 -3.98 -3.64 -18.46
N SER B 179 -2.87 -2.99 -18.13
CA SER B 179 -1.81 -3.62 -17.36
C SER B 179 -2.05 -3.37 -15.87
N ILE B 180 -1.13 -3.85 -15.04
CA ILE B 180 -1.27 -3.66 -13.61
C ILE B 180 -1.14 -2.18 -13.29
N LEU B 181 -2.12 -1.65 -12.56
CA LEU B 181 -2.16 -0.24 -12.19
C LEU B 181 -1.08 0.07 -11.17
N ARG B 182 -0.87 -0.85 -10.25
CA ARG B 182 0.14 -0.70 -9.21
C ARG B 182 0.52 -2.10 -8.71
N GLU B 183 1.82 -2.33 -8.56
CA GLU B 183 2.30 -3.63 -8.09
C GLU B 183 2.36 -3.68 -6.58
N GLU B 184 1.81 -4.75 -6.02
CA GLU B 184 1.82 -4.93 -4.57
C GLU B 184 2.21 -6.37 -4.30
N SER B 185 2.87 -6.61 -3.18
CA SER B 185 3.23 -7.96 -2.84
C SER B 185 2.42 -8.30 -1.60
N TYR B 186 2.14 -9.60 -1.41
CA TYR B 186 1.39 -10.04 -0.25
C TYR B 186 2.38 -10.61 0.76
N GLY B 187 2.03 -10.49 2.03
CA GLY B 187 2.89 -11.00 3.08
C GLY B 187 2.02 -11.45 4.24
N ILE B 188 2.65 -12.06 5.23
CA ILE B 188 1.95 -12.51 6.43
C ILE B 188 2.07 -11.28 7.34
N ILE B 189 0.95 -10.81 7.89
CA ILE B 189 0.99 -9.63 8.75
C ILE B 189 1.14 -10.10 10.18
N LEU B 190 2.01 -9.43 10.93
CA LEU B 190 2.31 -9.79 12.30
C LEU B 190 2.35 -8.56 13.17
N PRO B 191 2.22 -8.72 14.49
CA PRO B 191 2.28 -7.56 15.38
C PRO B 191 3.76 -7.16 15.47
N ASN B 192 4.02 -5.91 15.85
CA ASN B 192 5.41 -5.47 15.98
C ASN B 192 6.17 -6.34 16.97
N ASN B 193 7.46 -6.52 16.74
CA ASN B 193 8.30 -7.30 17.64
C ASN B 193 7.86 -8.75 17.79
N SER B 194 7.13 -9.26 16.81
CA SER B 194 6.67 -10.64 16.88
C SER B 194 7.85 -11.58 16.78
N PRO B 195 7.93 -12.54 17.70
CA PRO B 195 9.03 -13.53 17.69
C PRO B 195 8.85 -14.58 16.61
N TYR B 196 7.72 -14.55 15.89
CA TYR B 196 7.48 -15.52 14.83
C TYR B 196 7.92 -15.05 13.45
N ARG B 197 8.23 -13.76 13.33
CA ARG B 197 8.65 -13.19 12.06
C ARG B 197 9.84 -13.92 11.42
N LYS B 198 10.98 -13.92 12.10
CA LYS B 198 12.18 -14.57 11.58
C LYS B 198 12.00 -16.07 11.27
N PRO B 199 11.40 -16.84 12.18
CA PRO B 199 11.24 -18.26 11.86
C PRO B 199 10.33 -18.48 10.65
N ILE B 200 9.38 -17.57 10.43
CA ILE B 200 8.49 -17.69 9.29
C ILE B 200 9.30 -17.40 8.04
N ASN B 201 10.12 -16.36 8.09
CA ASN B 201 10.95 -16.01 6.94
C ASN B 201 11.87 -17.16 6.62
N GLN B 202 12.50 -17.71 7.66
CA GLN B 202 13.42 -18.83 7.52
C GLN B 202 12.67 -20.01 6.85
N ALA B 203 11.47 -20.30 7.35
CA ALA B 203 10.67 -21.39 6.80
C ALA B 203 10.34 -21.14 5.33
N LEU B 204 9.81 -19.97 5.02
CA LEU B 204 9.44 -19.61 3.64
C LEU B 204 10.64 -19.74 2.69
N LEU B 205 11.79 -19.24 3.14
CA LEU B 205 13.00 -19.30 2.32
C LEU B 205 13.34 -20.77 2.03
N ASN B 206 13.29 -21.64 3.03
CA ASN B 206 13.60 -23.04 2.77
C ASN B 206 12.58 -23.66 1.82
N LEU B 207 11.31 -23.30 2.00
CA LEU B 207 10.25 -23.82 1.16
C LEU B 207 10.50 -23.42 -0.31
N LYS B 208 11.06 -22.24 -0.52
CA LYS B 208 11.35 -21.80 -1.87
C LYS B 208 12.57 -22.55 -2.40
N GLU B 209 13.60 -22.70 -1.56
CA GLU B 209 14.82 -23.39 -1.95
C GLU B 209 14.64 -24.89 -2.26
N ASN B 210 13.76 -25.59 -1.55
CA ASN B 210 13.58 -27.01 -1.83
C ASN B 210 12.51 -27.30 -2.89
N GLY B 211 11.94 -26.25 -3.47
CA GLY B 211 10.94 -26.45 -4.50
C GLY B 211 9.49 -26.46 -4.03
N THR B 212 9.28 -26.63 -2.74
CA THR B 212 7.92 -26.65 -2.20
C THR B 212 7.08 -25.44 -2.64
N TYR B 213 7.66 -24.24 -2.51
CA TYR B 213 6.95 -23.02 -2.90
C TYR B 213 6.52 -23.13 -4.35
N GLN B 214 7.51 -23.41 -5.19
CA GLN B 214 7.34 -23.57 -6.62
C GLN B 214 6.17 -24.52 -6.90
N SER B 215 6.17 -25.67 -6.25
CA SER B 215 5.10 -26.65 -6.47
C SER B 215 3.74 -26.15 -6.05
N LEU B 216 3.69 -25.39 -4.96
CA LEU B 216 2.43 -24.85 -4.46
C LEU B 216 1.88 -23.83 -5.45
N TYR B 217 2.76 -22.97 -5.94
CA TYR B 217 2.35 -21.95 -6.89
C TYR B 217 1.76 -22.57 -8.15
N ASP B 218 2.43 -23.59 -8.67
CA ASP B 218 1.96 -24.24 -9.89
C ASP B 218 0.65 -24.99 -9.67
N LYS B 219 0.38 -25.36 -8.43
CA LYS B 219 -0.83 -26.07 -8.08
C LYS B 219 -2.07 -25.17 -8.16
N TRP B 220 -1.91 -23.90 -7.79
CA TRP B 220 -3.05 -22.99 -7.79
C TRP B 220 -3.09 -21.96 -8.90
N PHE B 221 -1.98 -21.80 -9.63
CA PHE B 221 -1.93 -20.80 -10.68
C PHE B 221 -1.32 -21.31 -11.99
N ASP B 222 -1.36 -20.46 -13.00
CA ASP B 222 -0.81 -20.79 -14.30
C ASP B 222 0.57 -20.15 -14.37
N PRO B 223 1.61 -20.93 -14.64
CA PRO B 223 2.98 -20.42 -14.73
C PRO B 223 3.15 -19.11 -15.51
N LYS B 224 2.43 -18.98 -16.62
CA LYS B 224 2.55 -17.79 -17.45
C LYS B 224 2.03 -16.48 -16.84
N ASN B 225 1.20 -16.59 -15.80
CA ASN B 225 0.64 -15.41 -15.16
C ASN B 225 1.50 -14.86 -14.01
N SER B 226 2.57 -15.56 -13.66
CA SER B 226 3.42 -15.10 -12.57
C SER B 226 3.93 -13.68 -12.79
N LEU B 227 3.94 -12.89 -11.72
CA LEU B 227 4.40 -11.51 -11.78
C LEU B 227 5.82 -11.42 -11.21
N GLU B 228 6.61 -12.47 -11.45
CA GLU B 228 7.99 -12.54 -10.99
C GLU B 228 8.09 -12.56 -9.47
N PRO C 4 25.50 9.74 11.70
CA PRO C 4 25.12 9.32 10.33
C PRO C 4 25.19 7.80 10.20
N LEU C 5 24.41 7.25 9.26
CA LEU C 5 24.40 5.81 9.06
C LEU C 5 25.57 5.32 8.21
N LEU C 6 26.22 4.26 8.66
CA LEU C 6 27.33 3.67 7.91
C LEU C 6 26.75 2.55 7.07
N VAL C 7 26.87 2.69 5.76
CA VAL C 7 26.35 1.72 4.80
C VAL C 7 27.43 0.98 4.02
N ALA C 8 27.45 -0.34 4.18
CA ALA C 8 28.41 -1.18 3.48
C ALA C 8 27.91 -1.43 2.06
N THR C 9 28.80 -1.35 1.09
CA THR C 9 28.45 -1.59 -0.30
C THR C 9 29.44 -2.56 -0.93
N ARG C 10 29.17 -2.95 -2.18
CA ARG C 10 30.01 -3.88 -2.91
C ARG C 10 29.84 -3.58 -4.40
N VAL C 11 30.96 -3.46 -5.10
CA VAL C 11 30.94 -3.13 -6.52
C VAL C 11 30.47 -4.29 -7.38
N ILE C 12 29.35 -4.06 -8.07
CA ILE C 12 28.75 -5.05 -8.96
C ILE C 12 27.67 -4.38 -9.81
N PRO C 13 28.03 -3.90 -11.02
CA PRO C 13 27.08 -3.23 -11.91
C PRO C 13 26.03 -4.19 -12.47
N PRO C 14 24.85 -3.65 -12.84
CA PRO C 14 24.50 -2.23 -12.76
C PRO C 14 23.96 -1.77 -11.41
N PHE C 15 24.06 -2.61 -10.37
CA PHE C 15 23.54 -2.24 -9.07
C PHE C 15 24.47 -1.32 -8.32
N VAL C 16 25.76 -1.55 -8.46
CA VAL C 16 26.79 -0.75 -7.79
C VAL C 16 28.01 -0.59 -8.70
N LEU C 17 28.35 0.65 -9.01
CA LEU C 17 29.52 0.95 -9.84
C LEU C 17 30.40 1.98 -9.13
N SER C 18 31.70 1.97 -9.44
CA SER C 18 32.65 2.90 -8.84
C SER C 18 33.56 3.54 -9.87
N ASN C 19 34.09 4.72 -9.54
CA ASN C 19 34.99 5.45 -10.43
C ASN C 19 35.69 6.60 -9.72
N LEU C 23 30.89 6.63 -7.55
CA LEU C 23 29.90 5.66 -7.07
C LEU C 23 28.53 5.89 -7.71
N SER C 24 28.03 4.86 -8.40
CA SER C 24 26.73 4.93 -9.08
C SER C 24 26.02 3.57 -9.16
N GLY C 25 24.82 3.56 -9.74
CA GLY C 25 24.09 2.32 -9.88
C GLY C 25 22.67 2.32 -9.32
N PHE C 26 21.94 1.25 -9.62
CA PHE C 26 20.57 1.11 -9.16
C PHE C 26 20.45 1.14 -7.64
N SER C 27 21.22 0.29 -6.98
CA SER C 27 21.17 0.21 -5.53
C SER C 27 21.63 1.49 -4.85
N ILE C 28 22.58 2.18 -5.48
CA ILE C 28 23.07 3.43 -4.92
C ILE C 28 21.96 4.48 -4.99
N ASP C 29 21.36 4.65 -6.16
CA ASP C 29 20.28 5.63 -6.27
C ASP C 29 19.14 5.27 -5.32
N LEU C 30 18.89 3.96 -5.19
CA LEU C 30 17.83 3.50 -4.31
C LEU C 30 18.10 3.81 -2.84
N TRP C 31 19.30 3.48 -2.36
CA TRP C 31 19.59 3.75 -0.96
C TRP C 31 19.52 5.25 -0.67
N ARG C 32 20.02 6.06 -1.60
CA ARG C 32 19.99 7.51 -1.42
C ARG C 32 18.55 8.01 -1.31
N SER C 33 17.66 7.47 -2.13
CA SER C 33 16.25 7.87 -2.08
C SER C 33 15.63 7.41 -0.78
N ILE C 34 16.13 6.29 -0.25
CA ILE C 34 15.65 5.75 0.99
C ILE C 34 16.16 6.62 2.15
N ALA C 35 17.46 6.92 2.13
CA ALA C 35 18.06 7.73 3.18
C ALA C 35 17.38 9.09 3.30
N THR C 36 17.09 9.71 2.16
CA THR C 36 16.44 11.00 2.14
C THR C 36 15.01 10.84 2.61
N GLN C 37 14.39 9.73 2.23
CA GLN C 37 13.01 9.44 2.60
C GLN C 37 12.86 9.43 4.11
N ILE C 38 13.87 8.88 4.77
CA ILE C 38 13.92 8.77 6.22
C ILE C 38 14.36 10.08 6.86
N GLY C 39 15.27 10.78 6.17
CA GLY C 39 15.77 12.04 6.68
C GLY C 39 17.07 11.90 7.46
N ILE C 40 17.98 11.07 6.96
CA ILE C 40 19.26 10.88 7.63
C ILE C 40 20.39 10.83 6.60
N GLU C 41 21.61 11.11 7.05
CA GLU C 41 22.78 11.09 6.19
C GLU C 41 23.45 9.74 6.33
N SER C 42 24.28 9.38 5.37
CA SER C 42 24.96 8.09 5.40
C SER C 42 26.26 8.07 4.61
N LYS C 43 27.21 7.27 5.09
CA LYS C 43 28.50 7.12 4.44
C LYS C 43 28.59 5.71 3.85
N LEU C 44 28.99 5.62 2.60
CA LEU C 44 29.11 4.34 1.91
C LEU C 44 30.52 3.82 2.00
N ILE C 45 30.67 2.62 2.55
CA ILE C 45 31.97 1.98 2.70
C ILE C 45 32.02 0.72 1.83
N GLU C 46 32.93 0.71 0.86
CA GLU C 46 33.08 -0.41 -0.06
C GLU C 46 33.80 -1.61 0.53
N TYR C 47 33.37 -2.81 0.12
CA TYR C 47 33.96 -4.06 0.56
C TYR C 47 34.19 -4.92 -0.66
N SER C 48 35.23 -5.74 -0.62
CA SER C 48 35.62 -6.59 -1.75
C SER C 48 34.73 -7.77 -2.14
N SER C 49 33.92 -8.26 -1.22
CA SER C 49 33.05 -9.39 -1.50
C SER C 49 31.82 -9.34 -0.59
N VAL C 50 30.88 -10.26 -0.81
CA VAL C 50 29.69 -10.30 0.01
C VAL C 50 30.03 -10.76 1.43
N PRO C 51 30.81 -11.85 1.57
CA PRO C 51 31.16 -12.31 2.91
C PRO C 51 31.90 -11.26 3.74
N GLU C 52 32.69 -10.43 3.08
CA GLU C 52 33.44 -9.39 3.77
C GLU C 52 32.43 -8.34 4.24
N LEU C 53 31.48 -8.01 3.37
CA LEU C 53 30.45 -7.05 3.71
C LEU C 53 29.62 -7.58 4.87
N ILE C 54 29.40 -8.89 4.89
CA ILE C 54 28.63 -9.52 5.94
C ILE C 54 29.38 -9.46 7.27
N SER C 55 30.70 -9.72 7.23
CA SER C 55 31.50 -9.66 8.45
C SER C 55 31.43 -8.26 9.04
N ALA C 56 31.33 -7.26 8.18
CA ALA C 56 31.24 -5.87 8.62
C ALA C 56 29.99 -5.68 9.46
N ILE C 57 28.92 -6.37 9.06
CA ILE C 57 27.65 -6.31 9.79
C ILE C 57 27.83 -7.01 11.13
N LYS C 58 28.32 -8.25 11.07
CA LYS C 58 28.54 -9.06 12.25
C LYS C 58 29.54 -8.40 13.22
N ASP C 59 30.48 -7.63 12.68
CA ASP C 59 31.47 -6.97 13.52
C ASP C 59 31.01 -5.60 13.99
N ASN C 60 29.80 -5.22 13.58
CA ASN C 60 29.21 -3.95 13.95
C ASN C 60 30.04 -2.76 13.42
N LYS C 61 30.68 -2.97 12.28
CA LYS C 61 31.48 -1.92 11.65
C LYS C 61 30.55 -0.97 10.88
N VAL C 62 29.44 -1.51 10.38
CA VAL C 62 28.47 -0.69 9.64
C VAL C 62 27.06 -0.94 10.16
N ASN C 63 26.12 -0.11 9.74
CA ASN C 63 24.73 -0.25 10.19
C ASN C 63 23.91 -1.16 9.28
N LEU C 64 24.24 -1.17 8.00
CA LEU C 64 23.53 -1.99 7.03
C LEU C 64 24.40 -2.23 5.81
N GLY C 65 23.90 -3.07 4.91
CA GLY C 65 24.63 -3.38 3.71
C GLY C 65 23.67 -3.44 2.53
N ILE C 66 24.08 -2.90 1.40
CA ILE C 66 23.26 -2.93 0.21
C ILE C 66 24.11 -2.99 -1.05
N ALA C 67 23.64 -3.78 -2.01
CA ALA C 67 24.28 -3.95 -3.30
C ALA C 67 23.36 -4.90 -4.07
N ALA C 68 23.83 -6.12 -4.25
CA ALA C 68 23.09 -7.18 -4.95
C ALA C 68 23.19 -8.38 -4.01
N ILE C 69 22.70 -8.20 -2.79
CA ILE C 69 22.75 -9.22 -1.74
C ILE C 69 21.52 -10.13 -1.72
N SER C 70 21.76 -11.41 -2.02
CA SER C 70 20.69 -12.39 -2.04
C SER C 70 20.19 -12.67 -0.64
N ILE C 71 18.88 -12.79 -0.49
CA ILE C 71 18.25 -13.11 0.80
C ILE C 71 18.22 -14.62 0.83
N THR C 72 18.95 -15.22 1.76
CA THR C 72 18.98 -16.68 1.88
C THR C 72 18.67 -17.10 3.32
N ALA C 73 18.19 -18.33 3.46
CA ALA C 73 17.87 -18.88 4.76
C ALA C 73 19.07 -18.83 5.69
N GLU C 74 20.23 -19.23 5.16
CA GLU C 74 21.44 -19.25 5.98
C GLU C 74 21.81 -17.87 6.49
N ARG C 75 21.63 -16.85 5.65
CA ARG C 75 21.96 -15.48 6.04
C ARG C 75 20.89 -14.91 6.97
N GLU C 76 19.65 -15.30 6.72
CA GLU C 76 18.53 -14.82 7.53
C GLU C 76 18.62 -15.43 8.92
N GLN C 77 19.27 -16.58 9.01
CA GLN C 77 19.41 -17.26 10.28
C GLN C 77 20.26 -16.46 11.27
N ASN C 78 21.30 -15.81 10.76
CA ASN C 78 22.20 -15.03 11.62
C ASN C 78 22.04 -13.52 11.48
N PHE C 79 21.34 -13.08 10.44
CA PHE C 79 21.12 -11.65 10.22
C PHE C 79 19.67 -11.36 9.84
N ASP C 80 19.38 -10.10 9.56
CA ASP C 80 18.03 -9.69 9.19
C ASP C 80 18.05 -9.01 7.82
N PHE C 81 16.88 -8.86 7.22
CA PHE C 81 16.77 -8.23 5.91
C PHE C 81 15.55 -7.34 5.84
N SER C 82 15.61 -6.36 4.96
CA SER C 82 14.50 -5.46 4.74
C SER C 82 13.66 -6.19 3.69
N LEU C 83 12.57 -5.54 3.28
CA LEU C 83 11.73 -6.09 2.23
C LEU C 83 12.63 -6.20 1.01
N PRO C 84 12.35 -7.15 0.12
CA PRO C 84 13.17 -7.31 -1.08
C PRO C 84 13.20 -6.05 -1.94
N ILE C 85 14.34 -5.77 -2.56
CA ILE C 85 14.49 -4.58 -3.38
C ILE C 85 14.60 -4.93 -4.86
N PHE C 86 14.72 -6.22 -5.16
CA PHE C 86 14.87 -6.67 -6.53
C PHE C 86 14.74 -8.18 -6.59
N ALA C 87 14.28 -8.66 -7.74
CA ALA C 87 14.10 -10.09 -7.98
C ALA C 87 15.28 -10.60 -8.80
N SER C 88 15.93 -11.65 -8.33
CA SER C 88 17.07 -12.22 -9.03
C SER C 88 16.89 -13.73 -9.20
N GLY C 89 18.01 -14.44 -9.31
CA GLY C 89 17.98 -15.89 -9.48
C GLY C 89 19.21 -16.35 -10.26
N LEU C 90 19.70 -17.55 -9.97
CA LEU C 90 20.88 -18.06 -10.67
C LEU C 90 20.57 -18.46 -12.11
N GLN C 91 21.54 -18.21 -13.00
CA GLN C 91 21.37 -18.49 -14.41
C GLN C 91 22.70 -18.82 -15.09
N ILE C 92 22.63 -19.65 -16.13
CA ILE C 92 23.83 -20.03 -16.87
C ILE C 92 24.08 -19.15 -18.10
N MET C 93 25.36 -18.82 -18.33
CA MET C 93 25.76 -18.03 -19.47
C MET C 93 26.92 -18.76 -20.13
N VAL C 94 26.86 -18.89 -21.45
CA VAL C 94 27.91 -19.56 -22.22
C VAL C 94 28.37 -18.66 -23.36
N ARG C 95 29.40 -19.08 -24.06
CA ARG C 95 29.92 -18.31 -25.17
C ARG C 95 29.03 -18.42 -26.40
N ASN C 96 29.06 -17.38 -27.22
CA ASN C 96 28.30 -17.33 -28.45
C ASN C 96 28.93 -18.31 -29.45
N GLY C 102 25.57 -25.47 -29.03
CA GLY C 102 26.63 -25.89 -28.12
C GLY C 102 26.31 -27.07 -27.21
N ASP C 103 27.31 -27.56 -26.50
CA ASP C 103 27.14 -28.70 -25.59
C ASP C 103 26.64 -28.33 -24.20
N ILE C 104 26.56 -27.03 -23.91
CA ILE C 104 26.06 -26.56 -22.62
C ILE C 104 24.80 -25.74 -22.84
N ARG C 105 23.65 -26.31 -22.48
CA ARG C 105 22.37 -25.64 -22.66
C ARG C 105 21.60 -25.47 -21.35
N SER C 106 21.97 -26.24 -20.33
CA SER C 106 21.33 -26.17 -19.02
C SER C 106 22.21 -26.74 -17.92
N ILE C 107 21.69 -26.79 -16.68
CA ILE C 107 22.48 -27.34 -15.58
C ILE C 107 22.80 -28.81 -15.83
N ASP C 108 22.01 -29.46 -16.67
CA ASP C 108 22.21 -30.86 -17.03
C ASP C 108 23.64 -31.07 -17.53
N ASP C 109 24.14 -30.09 -18.26
CA ASP C 109 25.46 -30.19 -18.86
C ASP C 109 26.66 -29.74 -18.04
N LEU C 110 26.43 -29.15 -16.87
CA LEU C 110 27.54 -28.65 -16.04
C LEU C 110 28.50 -29.66 -15.40
N PRO C 111 28.00 -30.82 -14.95
CA PRO C 111 28.95 -31.77 -14.33
C PRO C 111 30.12 -32.06 -15.23
N GLY C 112 31.34 -31.87 -14.73
CA GLY C 112 32.52 -32.13 -15.53
C GLY C 112 33.04 -30.92 -16.29
N LYS C 113 32.37 -29.78 -16.14
CA LYS C 113 32.79 -28.55 -16.82
C LYS C 113 33.40 -27.61 -15.79
N VAL C 114 34.04 -26.56 -16.27
CA VAL C 114 34.64 -25.56 -15.41
C VAL C 114 33.74 -24.34 -15.53
N VAL C 115 33.24 -23.87 -14.39
CA VAL C 115 32.34 -22.73 -14.34
C VAL C 115 32.92 -21.61 -13.48
N ALA C 116 32.90 -20.39 -14.01
CA ALA C 116 33.41 -19.26 -13.26
C ALA C 116 32.27 -18.47 -12.60
N THR C 117 32.57 -17.88 -11.44
CA THR C 117 31.61 -17.07 -10.70
C THR C 117 32.41 -16.36 -9.60
N THR C 118 31.77 -15.45 -8.88
CA THR C 118 32.46 -14.72 -7.81
C THR C 118 32.56 -15.53 -6.53
N ALA C 119 33.68 -15.39 -5.84
CA ALA C 119 33.92 -16.09 -4.58
C ALA C 119 32.91 -15.60 -3.55
N GLY C 120 32.47 -16.50 -2.67
CA GLY C 120 31.54 -16.15 -1.62
C GLY C 120 30.13 -15.78 -2.03
N SER C 121 29.76 -16.13 -3.26
CA SER C 121 28.43 -15.85 -3.79
C SER C 121 27.50 -17.05 -3.65
N THR C 122 26.19 -16.80 -3.74
CA THR C 122 25.24 -17.89 -3.66
C THR C 122 25.51 -18.82 -4.84
N ALA C 123 26.02 -18.26 -5.93
CA ALA C 123 26.35 -19.07 -7.09
C ALA C 123 27.45 -20.06 -6.72
N ALA C 124 28.50 -19.58 -6.06
CA ALA C 124 29.61 -20.45 -5.66
C ALA C 124 29.12 -21.58 -4.78
N THR C 125 28.27 -21.23 -3.83
CA THR C 125 27.71 -22.20 -2.90
C THR C 125 26.90 -23.25 -3.68
N TYR C 126 26.05 -22.78 -4.59
CA TYR C 126 25.24 -23.69 -5.38
C TYR C 126 26.12 -24.64 -6.22
N LEU C 127 27.12 -24.07 -6.88
CA LEU C 127 28.02 -24.89 -7.69
C LEU C 127 28.75 -25.94 -6.83
N ARG C 128 29.26 -25.50 -5.68
CA ARG C 128 29.96 -26.44 -4.79
C ARG C 128 29.02 -27.55 -4.32
N GLU C 129 27.77 -27.20 -4.03
CA GLU C 129 26.83 -28.23 -3.58
C GLU C 129 26.58 -29.26 -4.67
N HIS C 130 26.63 -28.82 -5.92
CA HIS C 130 26.43 -29.71 -7.04
C HIS C 130 27.73 -30.38 -7.49
N HIS C 131 28.81 -30.09 -6.78
CA HIS C 131 30.11 -30.69 -7.11
C HIS C 131 30.63 -30.34 -8.50
N ILE C 132 30.35 -29.12 -8.93
CA ILE C 132 30.80 -28.63 -10.24
C ILE C 132 32.14 -27.93 -10.04
N SER C 133 33.08 -28.15 -10.96
CA SER C 133 34.39 -27.51 -10.84
C SER C 133 34.21 -25.99 -10.99
N VAL C 134 34.62 -25.24 -9.98
CA VAL C 134 34.45 -23.80 -10.00
C VAL C 134 35.71 -22.94 -9.96
N LEU C 135 35.70 -21.92 -10.80
CA LEU C 135 36.78 -20.97 -10.89
C LEU C 135 36.22 -19.72 -10.20
N GLU C 136 36.59 -19.54 -8.94
CA GLU C 136 36.10 -18.41 -8.16
C GLU C 136 36.97 -17.17 -8.29
N VAL C 137 36.35 -16.06 -8.68
CA VAL C 137 37.07 -14.81 -8.83
C VAL C 137 36.46 -13.74 -7.93
N PRO C 138 37.24 -12.70 -7.59
CA PRO C 138 36.74 -11.64 -6.73
C PRO C 138 35.64 -10.77 -7.34
N LYS C 139 35.80 -10.40 -8.61
CA LYS C 139 34.84 -9.56 -9.31
C LYS C 139 34.20 -10.33 -10.46
N ILE C 140 32.92 -10.12 -10.71
CA ILE C 140 32.24 -10.84 -11.78
C ILE C 140 32.91 -10.59 -13.13
N GLU C 141 33.45 -9.39 -13.31
CA GLU C 141 34.11 -9.01 -14.55
C GLU C 141 35.21 -10.01 -14.91
N GLU C 142 35.91 -10.54 -13.91
CA GLU C 142 36.97 -11.49 -14.17
C GLU C 142 36.41 -12.84 -14.65
N ALA C 143 35.17 -13.15 -14.26
CA ALA C 143 34.53 -14.40 -14.69
C ALA C 143 34.20 -14.30 -16.17
N TYR C 144 33.77 -13.12 -16.60
CA TYR C 144 33.43 -12.89 -18.00
C TYR C 144 34.69 -13.08 -18.84
N LYS C 145 35.82 -12.65 -18.31
CA LYS C 145 37.08 -12.78 -19.02
C LYS C 145 37.50 -14.24 -19.12
N ALA C 146 37.28 -14.99 -18.04
CA ALA C 146 37.66 -16.41 -18.04
C ALA C 146 36.85 -17.16 -19.09
N LEU C 147 35.60 -16.74 -19.27
CA LEU C 147 34.71 -17.35 -20.25
C LEU C 147 35.17 -17.04 -21.67
N GLN C 148 35.48 -15.77 -21.93
CA GLN C 148 35.95 -15.36 -23.26
C GLN C 148 37.30 -15.98 -23.60
N THR C 149 38.19 -16.04 -22.62
CA THR C 149 39.50 -16.62 -22.82
C THR C 149 39.42 -18.14 -22.82
N LYS C 150 38.21 -18.65 -22.59
CA LYS C 150 37.98 -20.08 -22.58
C LYS C 150 38.58 -20.78 -21.37
N LYS C 151 38.96 -20.03 -20.33
CA LYS C 151 39.51 -20.65 -19.13
C LYS C 151 38.34 -21.33 -18.43
N ALA C 152 37.14 -20.86 -18.73
CA ALA C 152 35.91 -21.42 -18.16
C ALA C 152 34.96 -21.76 -19.30
N ASP C 153 34.13 -22.79 -19.09
CA ASP C 153 33.17 -23.24 -20.10
C ASP C 153 31.85 -22.48 -19.96
N ALA C 154 31.60 -21.91 -18.80
CA ALA C 154 30.37 -21.18 -18.59
C ALA C 154 30.45 -20.36 -17.32
N VAL C 155 29.45 -19.51 -17.13
CA VAL C 155 29.37 -18.69 -15.94
C VAL C 155 27.98 -18.88 -15.35
N VAL C 156 27.93 -18.91 -14.03
CA VAL C 156 26.68 -19.04 -13.31
C VAL C 156 26.61 -17.86 -12.35
N PHE C 157 25.64 -16.98 -12.55
CA PHE C 157 25.49 -15.83 -11.68
C PHE C 157 24.05 -15.32 -11.68
N ASP C 158 23.83 -14.20 -10.97
CA ASP C 158 22.51 -13.57 -10.84
C ASP C 158 22.03 -13.12 -12.22
N ALA C 159 20.84 -13.56 -12.61
CA ALA C 159 20.24 -13.23 -13.90
C ALA C 159 20.34 -11.76 -14.34
N PRO C 160 19.92 -10.81 -13.48
CA PRO C 160 19.97 -9.38 -13.83
C PRO C 160 21.37 -8.88 -14.16
N VAL C 161 22.38 -9.42 -13.47
CA VAL C 161 23.74 -8.99 -13.71
C VAL C 161 24.20 -9.55 -15.04
N LEU C 162 23.93 -10.83 -15.26
CA LEU C 162 24.31 -11.48 -16.52
C LEU C 162 23.59 -10.80 -17.70
N LEU C 163 22.30 -10.52 -17.55
CA LEU C 163 21.52 -9.86 -18.61
C LEU C 163 22.05 -8.47 -18.93
N PHE C 164 22.41 -7.72 -17.89
CA PHE C 164 22.95 -6.39 -18.09
C PHE C 164 24.21 -6.49 -18.91
N TYR C 165 25.06 -7.46 -18.57
CA TYR C 165 26.30 -7.69 -19.27
C TYR C 165 26.03 -8.06 -20.72
N ALA C 166 25.13 -9.03 -20.93
CA ALA C 166 24.81 -9.46 -22.28
C ALA C 166 24.25 -8.31 -23.11
N ALA C 167 23.52 -7.42 -22.45
CA ALA C 167 22.92 -6.28 -23.13
C ALA C 167 23.95 -5.23 -23.52
N ASN C 168 25.11 -5.25 -22.86
CA ASN C 168 26.16 -4.27 -23.14
C ASN C 168 27.49 -4.87 -23.58
N GLU C 169 28.49 -4.80 -22.71
CA GLU C 169 29.82 -5.32 -23.02
C GLU C 169 29.79 -6.70 -23.63
N GLY C 170 28.86 -7.54 -23.16
CA GLY C 170 28.77 -8.89 -23.66
C GLY C 170 28.05 -9.05 -24.99
N LYS C 171 27.40 -7.99 -25.45
CA LYS C 171 26.65 -8.02 -26.71
C LYS C 171 27.34 -8.83 -27.79
N GLY C 172 26.56 -9.72 -28.41
CA GLY C 172 27.08 -10.55 -29.48
C GLY C 172 28.23 -11.48 -29.12
N LYS C 173 28.52 -11.64 -27.84
CA LYS C 173 29.63 -12.50 -27.45
C LYS C 173 29.26 -13.55 -26.42
N VAL C 174 27.98 -13.63 -26.09
CA VAL C 174 27.56 -14.57 -25.07
C VAL C 174 26.09 -14.96 -25.22
N GLU C 175 25.64 -15.94 -24.43
CA GLU C 175 24.25 -16.39 -24.49
C GLU C 175 23.77 -16.89 -23.12
N ILE C 176 22.58 -16.44 -22.70
CA ILE C 176 22.02 -16.90 -21.43
C ILE C 176 21.17 -18.13 -21.76
N VAL C 177 21.54 -19.28 -21.19
CA VAL C 177 20.82 -20.51 -21.48
C VAL C 177 20.13 -21.14 -20.28
N GLY C 178 19.07 -21.90 -20.55
CA GLY C 178 18.32 -22.57 -19.49
C GLY C 178 17.42 -21.65 -18.69
N SER C 179 16.81 -22.20 -17.64
CA SER C 179 15.93 -21.42 -16.79
C SER C 179 16.64 -21.06 -15.49
N ILE C 180 16.02 -20.19 -14.71
CA ILE C 180 16.57 -19.79 -13.42
C ILE C 180 16.73 -21.05 -12.60
N LEU C 181 17.94 -21.30 -12.14
CA LEU C 181 18.26 -22.50 -11.36
C LEU C 181 17.90 -22.37 -9.90
N ARG C 182 17.74 -21.14 -9.44
CA ARG C 182 17.45 -20.88 -8.04
C ARG C 182 16.92 -19.46 -7.89
N GLU C 183 15.64 -19.35 -7.55
CA GLU C 183 14.99 -18.05 -7.36
C GLU C 183 15.51 -17.37 -6.11
N GLU C 184 15.98 -16.13 -6.25
CA GLU C 184 16.48 -15.38 -5.11
C GLU C 184 16.13 -13.91 -5.30
N SER C 185 15.89 -13.22 -4.20
CA SER C 185 15.57 -11.81 -4.31
C SER C 185 16.66 -11.04 -3.56
N TYR C 186 16.86 -9.77 -3.91
CA TYR C 186 17.85 -8.95 -3.24
C TYR C 186 17.22 -8.22 -2.07
N GLY C 187 18.05 -7.88 -1.09
CA GLY C 187 17.56 -7.16 0.06
C GLY C 187 18.65 -6.31 0.70
N ILE C 188 18.25 -5.48 1.65
CA ILE C 188 19.21 -4.67 2.37
C ILE C 188 19.45 -5.47 3.64
N ILE C 189 20.69 -5.90 3.84
CA ILE C 189 21.03 -6.70 5.00
C ILE C 189 21.33 -5.86 6.22
N LEU C 190 20.86 -6.33 7.37
CA LEU C 190 21.08 -5.61 8.62
C LEU C 190 21.33 -6.54 9.79
N PRO C 191 21.80 -5.98 10.92
CA PRO C 191 22.02 -6.86 12.07
C PRO C 191 20.64 -7.11 12.68
N ASN C 192 20.54 -8.11 13.53
CA ASN C 192 19.27 -8.39 14.16
C ASN C 192 18.88 -7.25 15.08
N ASN C 193 17.59 -7.10 15.31
CA ASN C 193 17.03 -6.06 16.16
C ASN C 193 17.44 -4.66 15.76
N SER C 194 17.75 -4.48 14.48
CA SER C 194 18.13 -3.15 14.01
C SER C 194 16.94 -2.21 14.06
N PRO C 195 17.15 -1.01 14.62
CA PRO C 195 16.10 0.00 14.72
C PRO C 195 15.81 0.69 13.40
N TYR C 196 16.60 0.39 12.38
CA TYR C 196 16.40 1.02 11.08
C TYR C 196 15.65 0.15 10.07
N ARG C 197 15.41 -1.12 10.41
CA ARG C 197 14.70 -2.01 9.48
C ARG C 197 13.34 -1.44 9.09
N LYS C 198 12.50 -1.12 10.06
CA LYS C 198 11.16 -0.59 9.75
C LYS C 198 11.19 0.72 8.97
N PRO C 199 11.99 1.71 9.40
CA PRO C 199 12.00 2.96 8.64
C PRO C 199 12.55 2.73 7.23
N ILE C 200 13.41 1.73 7.08
CA ILE C 200 13.92 1.42 5.76
C ILE C 200 12.79 0.82 4.91
N ASN C 201 12.08 -0.17 5.46
CA ASN C 201 10.98 -0.78 4.74
C ASN C 201 9.91 0.25 4.40
N GLN C 202 9.59 1.07 5.39
CA GLN C 202 8.61 2.14 5.28
C GLN C 202 8.97 3.05 4.09
N ALA C 203 10.22 3.52 4.04
CA ALA C 203 10.69 4.39 2.97
C ALA C 203 10.60 3.71 1.61
N LEU C 204 11.08 2.47 1.59
CA LEU C 204 11.07 1.69 0.36
C LEU C 204 9.64 1.55 -0.13
N LEU C 205 8.70 1.24 0.77
CA LEU C 205 7.32 1.12 0.35
C LEU C 205 6.83 2.46 -0.24
N ASN C 206 7.17 3.57 0.39
CA ASN C 206 6.76 4.89 -0.12
C ASN C 206 7.26 5.07 -1.55
N LEU C 207 8.55 4.79 -1.76
CA LEU C 207 9.16 4.93 -3.07
C LEU C 207 8.43 4.08 -4.09
N LYS C 208 7.99 2.91 -3.69
CA LYS C 208 7.27 2.03 -4.60
C LYS C 208 5.85 2.54 -4.80
N GLU C 209 5.29 3.18 -3.77
CA GLU C 209 3.94 3.71 -3.84
C GLU C 209 3.82 5.09 -4.50
N ASN C 210 4.91 5.86 -4.54
CA ASN C 210 4.84 7.17 -5.16
C ASN C 210 5.44 7.18 -6.57
N GLY C 211 5.97 6.04 -7.00
CA GLY C 211 6.53 5.96 -8.34
C GLY C 211 8.03 6.16 -8.52
N THR C 212 8.74 6.42 -7.43
CA THR C 212 10.18 6.61 -7.48
C THR C 212 10.96 5.32 -7.81
N TYR C 213 10.56 4.22 -7.20
CA TYR C 213 11.20 2.93 -7.44
C TYR C 213 11.17 2.62 -8.93
N GLN C 214 10.01 2.81 -9.54
CA GLN C 214 9.82 2.55 -10.96
C GLN C 214 10.79 3.40 -11.80
N SER C 215 10.81 4.70 -11.54
CA SER C 215 11.69 5.61 -12.27
C SER C 215 13.13 5.17 -12.14
N LEU C 216 13.50 4.73 -10.95
CA LEU C 216 14.85 4.27 -10.69
C LEU C 216 15.09 2.97 -11.43
N TYR C 217 14.06 2.13 -11.51
CA TYR C 217 14.19 0.86 -12.20
C TYR C 217 14.48 1.12 -13.67
N ASP C 218 13.63 1.91 -14.30
CA ASP C 218 13.78 2.23 -15.73
C ASP C 218 15.13 2.83 -16.04
N LYS C 219 15.62 3.70 -15.16
CA LYS C 219 16.90 4.34 -15.40
C LYS C 219 18.03 3.34 -15.61
N TRP C 220 18.02 2.24 -14.87
CA TRP C 220 19.09 1.26 -15.02
C TRP C 220 18.71 -0.01 -15.75
N PHE C 221 17.42 -0.29 -15.90
CA PHE C 221 17.00 -1.51 -16.57
C PHE C 221 16.02 -1.32 -17.72
N ASP C 222 15.64 -0.09 -17.98
CA ASP C 222 14.70 0.19 -19.06
C ASP C 222 15.13 1.42 -19.85
N PRO C 223 15.92 1.20 -20.93
CA PRO C 223 16.40 2.30 -21.77
C PRO C 223 15.29 2.97 -22.59
N GLU D . -17.96 16.65 8.84
CA GLU D . -17.37 15.79 7.78
C GLU D . -16.03 15.23 8.25
O GLU D . -15.35 15.91 9.05
CB GLU D . -17.16 16.60 6.49
CG GLU D . -16.69 15.75 5.32
CD GLU D . -16.37 16.56 4.07
OE1 GLU D . -16.08 15.94 3.02
OE2 GLU D . -16.40 17.80 4.14
OXT GLU D . -15.65 14.12 7.81
N GLU E . -4.78 -7.27 -1.33
CA GLU E . -5.92 -6.47 -0.81
C GLU E . -5.49 -5.71 0.44
O GLU E . -4.56 -6.19 1.12
CB GLU E . -7.10 -7.39 -0.47
CG GLU E . -8.36 -6.65 -0.05
CD GLU E . -9.46 -7.58 0.44
OE1 GLU E . -10.61 -7.11 0.60
OE2 GLU E . -9.18 -8.78 0.64
OXT GLU E . -6.09 -4.66 0.75
N GLU F . 23.76 -12.04 -5.10
CA GLU F . 25.09 -12.64 -4.82
C GLU F . 25.19 -13.05 -3.34
O GLU F . 24.54 -12.38 -2.50
CB GLU F . 26.21 -11.65 -5.18
CG GLU F . 27.62 -12.11 -4.85
CD GLU F . 28.68 -11.10 -5.26
OE1 GLU F . 28.41 -9.88 -5.22
OE2 GLU F . 29.79 -11.53 -5.62
OXT GLU F . 25.90 -14.03 -3.05
#